data_5UPQ
#
_entry.id   5UPQ
#
_cell.length_a   69.608
_cell.length_b   145.737
_cell.length_c   145.756
_cell.angle_alpha   90.000
_cell.angle_beta   90.000
_cell.angle_gamma   90.000
#
_symmetry.space_group_name_H-M   'P 21 21 21'
#
loop_
_entity.id
_entity.type
_entity.pdbx_description
1 polymer 'Acyl-CoA synthetase PtmA2'
2 non-polymer "5'-O-[(R)-{[(7beta,8alpha,9beta,10alpha,13alpha,16beta)-7,16-dihydroxy-18-oxokauran-18-yl]oxy}(hydroxy)phosphoryl]adenosine"
3 non-polymer 'SULFATE ION'
4 non-polymer 'CHLORIDE ION'
5 non-polymer GLYCEROL
6 water water
#
_entity_poly.entity_id   1
_entity_poly.type   'polypeptide(L)'
_entity_poly.pdbx_seq_one_letter_code
;SNALQHTTIGDVLREHRRSHPGRTALVDGPVRLTWPELDDRVNRLAGSLAASGIGRGDRI(MSE)WLGQNSFRVYELIAA
AGKLGA(MSE)VCVGYWRWAPPE(MSE)EFALRDFDPHLVVWQHQEIHETVARTREALGSDDTARWLRHDSAPQDPDGYE
AFLAAGGLADPDLDIDPDSPVLVLYTAA(MSE)SGRQCGSLLSHTNLIA(MSE)ATAAAWLGDIDHTTAFLNSGP(MSE)
FHIGNHQFWG(MSE)PTLL(MSE)AGKNVIVRRVVAEEVRDLLVAEECTHAFL(MSE)PPTVAEIVRLNRDTGHDLSRLR
ATVAPHLWEG(MSE)ATTDTSRFTRSGAAAGRGYGQTELSGFAVTAAYGGPAAGNAGRPGPGLTVRVLDTAGRECAVGEA
GEICARGTVVHRGYWNRDEVNAHRFRSGWWHTTDLGRREPDGSLTFLGTTTR(MSE)LKSAAENIFPAEVENCIEQHPAV
REAAVIGVPNTRWAQDVKAVVVLEPDAGVSEQEIIDHCRPRIASYKKPKSVAFAAALPRTVSGARDYDALDKEYGGGGYP
GAATLGPGR
;
_entity_poly.pdbx_strand_id   A,B
#
# COMPACT_ATOMS: atom_id res chain seq x y z
N ALA A 3 17.75 8.27 -9.65
CA ALA A 3 16.35 7.84 -9.32
C ALA A 3 15.79 8.61 -8.13
N LEU A 4 14.52 8.99 -8.25
CA LEU A 4 13.95 10.06 -7.42
C LEU A 4 13.25 9.58 -6.17
N GLN A 5 12.85 10.54 -5.34
CA GLN A 5 12.27 10.24 -4.04
C GLN A 5 10.88 9.60 -4.13
N HIS A 6 10.52 8.90 -3.06
CA HIS A 6 9.18 8.34 -2.89
C HIS A 6 8.19 9.44 -2.51
N THR A 7 6.93 9.09 -2.55
CA THR A 7 5.88 10.02 -2.26
C THR A 7 5.91 10.55 -0.81
N THR A 8 5.77 11.85 -0.66
CA THR A 8 5.59 12.46 0.67
C THR A 8 4.17 12.90 0.91
N ILE A 9 3.92 13.39 2.12
CA ILE A 9 2.66 14.00 2.50
C ILE A 9 2.49 15.33 1.75
N GLY A 10 3.59 15.98 1.39
CA GLY A 10 3.53 17.23 0.63
C GLY A 10 3.07 16.98 -0.79
N ASP A 11 3.51 15.85 -1.34
CA ASP A 11 3.11 15.42 -2.67
C ASP A 11 1.62 15.11 -2.72
N VAL A 12 1.11 14.44 -1.70
CA VAL A 12 -0.31 14.13 -1.67
C VAL A 12 -1.14 15.40 -1.88
N LEU A 13 -0.78 16.44 -1.13
CA LEU A 13 -1.52 17.71 -1.15
C LEU A 13 -1.35 18.41 -2.44
N ARG A 14 -0.12 18.39 -2.95
CA ARG A 14 0.22 18.99 -4.23
C ARG A 14 -0.59 18.36 -5.37
N GLU A 15 -0.80 17.05 -5.30
CA GLU A 15 -1.54 16.35 -6.33
C GLU A 15 -3.05 16.65 -6.19
N HIS A 16 -3.55 16.62 -4.94
CA HIS A 16 -4.97 16.88 -4.72
C HIS A 16 -5.44 18.26 -5.16
N ARG A 17 -4.63 19.30 -4.92
CA ARG A 17 -4.99 20.67 -5.29
C ARG A 17 -5.12 20.85 -6.82
N ARG A 18 -4.40 20.00 -7.57
CA ARG A 18 -4.45 19.98 -9.02
C ARG A 18 -5.54 19.04 -9.54
N SER A 19 -5.79 17.96 -8.83
CA SER A 19 -6.69 16.94 -9.32
C SER A 19 -8.11 17.14 -8.86
N HIS A 20 -8.29 17.76 -7.69
CA HIS A 20 -9.61 17.99 -7.14
C HIS A 20 -9.74 19.43 -6.69
N PRO A 21 -9.76 20.38 -7.64
CA PRO A 21 -9.77 21.80 -7.32
C PRO A 21 -11.00 22.29 -6.54
N GLY A 22 -12.17 21.70 -6.76
CA GLY A 22 -13.36 22.10 -5.99
C GLY A 22 -13.86 21.15 -4.92
N ARG A 23 -13.15 20.05 -4.68
CA ARG A 23 -13.61 19.10 -3.67
C ARG A 23 -13.26 19.64 -2.31
N THR A 24 -14.13 19.33 -1.33
CA THR A 24 -13.92 19.73 0.06
C THR A 24 -12.98 18.74 0.72
N ALA A 25 -12.02 19.28 1.46
CA ALA A 25 -10.97 18.49 2.12
C ALA A 25 -11.15 18.44 3.61
N LEU A 26 -11.41 19.60 4.22
CA LEU A 26 -11.53 19.75 5.66
C LEU A 26 -12.74 20.60 6.04
N VAL A 27 -13.51 20.14 7.01
CA VAL A 27 -14.54 20.94 7.65
C VAL A 27 -14.25 20.95 9.13
N ASP A 28 -14.41 22.11 9.76
CA ASP A 28 -14.32 22.21 11.21
C ASP A 28 -15.15 23.40 11.70
N GLY A 29 -16.34 23.10 12.23
CA GLY A 29 -17.32 24.14 12.54
C GLY A 29 -17.58 24.97 11.29
N PRO A 30 -17.38 26.28 11.36
CA PRO A 30 -17.65 27.10 10.17
C PRO A 30 -16.53 27.09 9.11
N VAL A 31 -15.39 26.46 9.39
CA VAL A 31 -14.27 26.39 8.43
C VAL A 31 -14.52 25.30 7.41
N ARG A 32 -14.37 25.64 6.14
CA ARG A 32 -14.52 24.71 5.03
C ARG A 32 -13.36 25.00 4.08
N LEU A 33 -12.73 23.94 3.61
CA LEU A 33 -11.51 24.10 2.85
C LEU A 33 -11.47 23.10 1.72
N THR A 34 -11.48 23.60 0.49
CA THR A 34 -11.14 22.78 -0.68
C THR A 34 -9.65 22.47 -0.60
N TRP A 35 -9.23 21.52 -1.41
CA TRP A 35 -7.82 21.15 -1.41
C TRP A 35 -6.89 22.31 -1.78
N PRO A 36 -7.21 23.12 -2.81
CA PRO A 36 -6.35 24.28 -3.05
C PRO A 36 -6.29 25.23 -1.88
N GLU A 37 -7.44 25.50 -1.27
CA GLU A 37 -7.49 26.37 -0.10
C GLU A 37 -6.64 25.81 1.05
N LEU A 38 -6.65 24.50 1.24
CA LEU A 38 -5.80 23.83 2.28
C LEU A 38 -4.29 23.86 1.96
N ASP A 39 -3.93 23.60 0.70
CA ASP A 39 -2.53 23.64 0.32
C ASP A 39 -1.94 25.07 0.41
N ASP A 40 -2.71 26.09 0.02
CA ASP A 40 -2.25 27.47 0.18
C ASP A 40 -2.06 27.77 1.66
N ARG A 41 -3.03 27.38 2.49
CA ARG A 41 -2.85 27.53 3.96
C ARG A 41 -1.58 26.88 4.50
N VAL A 42 -1.36 25.62 4.14
CA VAL A 42 -0.17 24.87 4.52
C VAL A 42 1.10 25.56 4.03
N ASN A 43 1.09 26.05 2.80
CA ASN A 43 2.25 26.80 2.32
C ASN A 43 2.48 28.11 3.10
N ARG A 44 1.42 28.80 3.52
CA ARG A 44 1.64 30.00 4.35
C ARG A 44 2.24 29.61 5.70
N LEU A 45 1.63 28.60 6.33
CA LEU A 45 2.08 28.09 7.62
C LEU A 45 3.50 27.56 7.49
N ALA A 46 3.80 26.82 6.44
CA ALA A 46 5.18 26.36 6.23
C ALA A 46 6.12 27.54 6.12
N GLY A 47 5.67 28.59 5.46
CA GLY A 47 6.46 29.80 5.31
C GLY A 47 6.81 30.45 6.63
N SER A 48 5.82 30.64 7.49
CA SER A 48 6.06 31.22 8.82
C SER A 48 6.86 30.29 9.72
N LEU A 49 6.65 28.98 9.60
CA LEU A 49 7.45 28.02 10.37
C LEU A 49 8.93 28.09 9.99
N ALA A 50 9.21 28.15 8.69
CA ALA A 50 10.59 28.27 8.19
C ALA A 50 11.23 29.59 8.62
N ALA A 51 10.47 30.68 8.51
CA ALA A 51 10.96 31.98 8.97
C ALA A 51 11.19 32.01 10.51
N SER A 52 10.60 31.08 11.24
CA SER A 52 10.91 31.02 12.66
C SER A 52 12.14 30.15 12.96
N GLY A 53 12.72 29.53 11.94
CA GLY A 53 13.88 28.65 12.14
C GLY A 53 13.61 27.15 12.12
N ILE A 54 12.37 26.75 11.82
CA ILE A 54 11.97 25.33 11.74
C ILE A 54 12.36 24.74 10.38
N GLY A 55 13.19 23.69 10.40
CA GLY A 55 13.57 22.96 9.20
C GLY A 55 13.61 21.46 9.46
N ARG A 56 14.44 20.76 8.69
CA ARG A 56 14.60 19.32 8.79
C ARG A 56 14.92 18.88 10.21
N GLY A 57 14.21 17.86 10.71
CA GLY A 57 14.48 17.30 12.03
C GLY A 57 13.80 18.01 13.18
N ASP A 58 13.31 19.21 12.96
CA ASP A 58 12.71 20.02 14.01
C ASP A 58 11.28 19.57 14.34
N ARG A 59 10.75 20.11 15.45
CA ARG A 59 9.69 19.48 16.24
C ARG A 59 8.64 20.46 16.73
N ILE A 60 7.38 20.10 16.51
CA ILE A 60 6.25 20.90 16.92
C ILE A 60 5.34 20.07 17.82
N TRP A 62 1.62 19.63 19.53
CA TRP A 62 0.25 20.09 19.62
C TRP A 62 -0.29 19.69 21.00
N LEU A 63 -0.70 20.69 21.79
CA LEU A 63 -1.30 20.49 23.10
C LEU A 63 -2.74 20.93 23.08
N GLY A 64 -3.59 20.12 22.48
CA GLY A 64 -4.99 20.47 22.30
C GLY A 64 -5.81 19.28 21.85
N GLN A 65 -7.12 19.48 21.80
CA GLN A 65 -8.06 18.53 21.27
C GLN A 65 -8.02 18.53 19.73
N ASN A 66 -8.81 17.66 19.11
CA ASN A 66 -8.91 17.61 17.65
C ASN A 66 -9.22 19.00 17.02
N SER A 67 -8.50 19.31 15.95
CA SER A 67 -8.77 20.51 15.16
C SER A 67 -8.33 20.26 13.73
N PHE A 68 -8.91 21.01 12.81
CA PHE A 68 -8.49 20.98 11.42
C PHE A 68 -7.03 21.42 11.28
N ARG A 69 -6.62 22.30 12.19
CA ARG A 69 -5.27 22.83 12.22
C ARG A 69 -4.22 21.75 12.40
N VAL A 70 -4.59 20.62 13.00
CA VAL A 70 -3.63 19.55 13.24
C VAL A 70 -3.13 18.94 11.94
N TYR A 71 -4.05 18.62 11.06
CA TYR A 71 -3.73 18.24 9.68
C TYR A 71 -2.88 19.31 8.99
N GLU A 72 -3.21 20.58 9.22
CA GLU A 72 -2.44 21.66 8.60
C GLU A 72 -1.00 21.62 9.05
N LEU A 73 -0.77 21.44 10.33
CA LEU A 73 0.58 21.33 10.90
C LEU A 73 1.37 20.11 10.40
N ILE A 74 0.71 18.97 10.38
CA ILE A 74 1.36 17.75 9.92
C ILE A 74 1.87 17.98 8.50
N ALA A 75 0.99 18.47 7.62
CA ALA A 75 1.37 18.68 6.23
C ALA A 75 2.47 19.73 6.13
N ALA A 76 2.28 20.86 6.81
CA ALA A 76 3.24 21.95 6.74
C ALA A 76 4.61 21.57 7.32
N ALA A 77 4.62 20.94 8.48
CA ALA A 77 5.84 20.35 9.00
C ALA A 77 6.42 19.31 8.04
N GLY A 78 5.57 18.52 7.38
CA GLY A 78 6.05 17.51 6.42
C GLY A 78 6.68 18.09 5.15
N LYS A 79 6.21 19.28 4.75
CA LYS A 79 6.83 19.99 3.63
C LYS A 79 8.20 20.61 3.98
N LEU A 80 8.49 20.74 5.28
CA LEU A 80 9.81 21.20 5.77
C LEU A 80 10.73 20.07 6.30
N GLY A 81 10.21 18.84 6.39
CA GLY A 81 10.99 17.71 6.92
C GLY A 81 10.95 17.68 8.45
N ALA A 82 10.09 18.54 9.01
CA ALA A 82 9.83 18.57 10.44
C ALA A 82 8.76 17.56 10.83
N VAL A 84 5.50 16.56 13.81
CA VAL A 84 4.49 17.06 14.75
C VAL A 84 4.10 15.99 15.77
N CYS A 85 4.23 16.30 17.04
CA CYS A 85 3.68 15.45 18.07
C CYS A 85 2.30 15.94 18.54
N VAL A 86 1.31 15.07 18.47
CA VAL A 86 -0.05 15.34 18.92
C VAL A 86 -0.12 14.80 20.33
N GLY A 87 0.06 15.68 21.30
CA GLY A 87 0.15 15.29 22.69
C GLY A 87 -1.21 15.02 23.31
N TYR A 88 -1.18 14.37 24.47
CA TYR A 88 -2.41 14.00 25.16
C TYR A 88 -2.95 15.22 25.94
N TRP A 89 -4.05 15.81 25.44
CA TRP A 89 -4.56 17.06 25.99
C TRP A 89 -5.01 16.99 27.43
N ARG A 90 -5.42 15.78 27.86
CA ARG A 90 -5.79 15.51 29.24
C ARG A 90 -4.55 15.24 30.12
N TRP A 91 -3.33 15.37 29.59
CA TRP A 91 -2.13 15.33 30.45
C TRP A 91 -2.24 16.31 31.59
N ALA A 92 -1.93 15.80 32.78
CA ALA A 92 -1.76 16.59 33.99
C ALA A 92 -0.37 17.22 33.98
N PRO A 93 -0.18 18.33 34.72
CA PRO A 93 1.10 19.05 34.68
C PRO A 93 2.40 18.23 34.78
N PRO A 94 2.49 17.25 35.69
CA PRO A 94 3.77 16.50 35.75
C PRO A 94 4.15 15.79 34.43
N GLU A 95 3.20 15.21 33.72
CA GLU A 95 3.51 14.51 32.49
C GLU A 95 3.43 15.41 31.26
N GLU A 97 4.88 18.25 31.50
CA GLU A 97 6.29 18.68 31.60
C GLU A 97 7.24 17.67 31.01
N PHE A 98 7.05 16.42 31.42
CA PHE A 98 7.91 15.32 30.98
C PHE A 98 7.90 15.29 29.49
N ALA A 99 6.69 15.20 28.93
CA ALA A 99 6.50 15.20 27.49
C ALA A 99 7.19 16.39 26.78
N LEU A 100 7.03 17.60 27.33
CA LEU A 100 7.70 18.78 26.76
C LEU A 100 9.23 18.71 26.89
N ARG A 101 9.72 18.27 28.04
CA ARG A 101 11.17 18.06 28.21
C ARG A 101 11.76 17.01 27.28
N ASP A 102 11.09 15.87 27.20
CA ASP A 102 11.52 14.74 26.35
C ASP A 102 11.49 15.12 24.86
N PHE A 103 10.32 15.57 24.39
CA PHE A 103 10.14 15.94 22.98
C PHE A 103 10.89 17.22 22.62
N ASP A 104 10.95 18.21 23.52
CA ASP A 104 11.80 19.40 23.30
C ASP A 104 11.50 20.10 21.98
N PRO A 105 10.29 20.59 21.84
CA PRO A 105 9.91 21.17 20.57
C PRO A 105 10.42 22.60 20.47
N HIS A 106 10.65 23.04 19.26
CA HIS A 106 11.02 24.42 18.98
C HIS A 106 9.77 25.27 19.12
N LEU A 107 8.62 24.66 18.83
CA LEU A 107 7.33 25.34 18.84
C LEU A 107 6.25 24.55 19.56
N VAL A 108 5.41 25.25 20.33
CA VAL A 108 4.23 24.64 20.91
C VAL A 108 2.95 25.34 20.49
N VAL A 109 2.07 24.60 19.82
CA VAL A 109 0.72 25.06 19.52
C VAL A 109 -0.22 24.53 20.61
N TRP A 110 -0.78 25.43 21.43
CA TRP A 110 -1.58 25.04 22.60
C TRP A 110 -3.03 25.53 22.50
N GLN A 111 -3.87 25.01 23.39
CA GLN A 111 -5.28 25.30 23.40
C GLN A 111 -5.68 25.85 24.75
N HIS A 112 -6.51 26.90 24.74
CA HIS A 112 -6.95 27.57 25.98
C HIS A 112 -8.25 26.94 26.52
N GLN A 113 -9.23 26.64 25.65
CA GLN A 113 -10.47 26.04 26.12
C GLN A 113 -10.14 24.75 26.87
N GLU A 114 -10.65 24.68 28.10
CA GLU A 114 -10.58 23.48 28.95
C GLU A 114 -9.26 23.10 29.64
N ILE A 115 -8.10 23.43 29.06
CA ILE A 115 -6.82 23.02 29.67
C ILE A 115 -5.87 24.16 29.99
N HIS A 116 -6.31 25.40 29.83
CA HIS A 116 -5.38 26.52 29.98
C HIS A 116 -4.63 26.51 31.32
N GLU A 117 -5.33 26.12 32.38
CA GLU A 117 -4.78 26.18 33.73
C GLU A 117 -3.61 25.23 33.90
N THR A 118 -3.85 23.99 33.48
CA THR A 118 -2.81 23.00 33.32
C THR A 118 -1.62 23.54 32.53
N VAL A 119 -1.91 24.18 31.39
CA VAL A 119 -0.87 24.78 30.54
C VAL A 119 -0.07 25.80 31.36
N ALA A 120 -0.79 26.75 31.95
CA ALA A 120 -0.18 27.79 32.79
C ALA A 120 0.72 27.16 33.88
N ARG A 121 0.20 26.17 34.58
CA ARG A 121 0.99 25.45 35.60
C ARG A 121 2.23 24.78 35.03
N THR A 122 2.10 24.18 33.85
CA THR A 122 3.23 23.46 33.27
C THR A 122 4.35 24.42 32.84
N ARG A 123 4.00 25.56 32.27
CA ARG A 123 5.03 26.53 31.88
C ARG A 123 5.80 27.08 33.09
N GLU A 124 5.06 27.45 34.13
CA GLU A 124 5.62 27.83 35.42
C GLU A 124 6.67 26.84 35.94
N ALA A 125 6.30 25.55 35.93
CA ALA A 125 7.19 24.45 36.32
C ALA A 125 8.44 24.35 35.47
N LEU A 126 8.32 24.55 34.16
CA LEU A 126 9.48 24.51 33.27
C LEU A 126 10.44 25.64 33.56
N GLY A 127 9.89 26.74 34.09
CA GLY A 127 10.73 27.86 34.53
C GLY A 127 11.50 28.44 33.38
N SER A 128 12.82 28.33 33.43
CA SER A 128 13.70 29.01 32.45
C SER A 128 14.31 28.04 31.45
N ASP A 129 13.72 26.86 31.36
CA ASP A 129 14.00 25.92 30.27
C ASP A 129 12.86 25.90 29.25
N ASP A 130 11.90 26.82 29.42
CA ASP A 130 10.74 26.96 28.56
C ASP A 130 11.07 27.91 27.41
N THR A 131 11.84 27.41 26.45
CA THR A 131 12.41 28.22 25.38
C THR A 131 11.60 28.22 24.08
N ALA A 132 10.50 27.48 24.04
CA ALA A 132 9.79 27.27 22.78
C ALA A 132 8.93 28.48 22.43
N ARG A 133 8.60 28.64 21.17
CA ARG A 133 7.60 29.64 20.81
C ARG A 133 6.26 28.98 21.09
N TRP A 134 5.40 29.68 21.82
CA TRP A 134 4.04 29.25 22.10
C TRP A 134 2.97 30.02 21.28
N LEU A 135 2.17 29.29 20.50
CA LEU A 135 1.09 29.88 19.70
C LEU A 135 -0.25 29.28 20.05
N ARG A 136 -1.22 30.13 20.35
CA ARG A 136 -2.51 29.65 20.80
C ARG A 136 -3.39 29.38 19.61
N HIS A 137 -3.90 28.16 19.47
CA HIS A 137 -4.67 27.83 18.27
C HIS A 137 -6.05 28.47 18.29
N ASP A 138 -6.78 28.35 19.39
CA ASP A 138 -8.15 28.86 19.47
C ASP A 138 -8.21 30.30 20.02
N SER A 139 -7.38 31.17 19.46
CA SER A 139 -7.21 32.50 20.01
C SER A 139 -8.19 33.45 19.36
N ALA A 140 -8.24 34.67 19.91
CA ALA A 140 -8.81 35.80 19.21
C ALA A 140 -8.04 35.84 17.90
N PRO A 141 -8.73 36.08 16.77
CA PRO A 141 -8.13 35.99 15.42
C PRO A 141 -7.00 36.99 15.09
N GLN A 142 -6.86 38.07 15.87
CA GLN A 142 -5.75 39.03 15.69
C GLN A 142 -4.73 38.97 16.84
N ASP A 143 -4.80 37.92 17.65
CA ASP A 143 -3.78 37.65 18.67
C ASP A 143 -2.46 37.48 17.91
N PRO A 144 -1.42 38.27 18.27
CA PRO A 144 -0.13 38.13 17.58
C PRO A 144 0.59 36.84 17.99
N ASP A 145 0.20 36.27 19.12
CA ASP A 145 0.76 35.00 19.53
C ASP A 145 -0.27 33.90 19.29
N GLY A 146 -1.02 34.08 18.21
CA GLY A 146 -2.12 33.21 17.82
C GLY A 146 -1.85 32.59 16.47
N TYR A 147 -2.28 31.34 16.32
CA TYR A 147 -1.97 30.53 15.17
C TYR A 147 -2.45 31.19 13.86
N GLU A 148 -3.66 31.70 13.82
CA GLU A 148 -4.14 32.36 12.60
C GLU A 148 -3.23 33.48 12.07
N ALA A 149 -2.82 34.42 12.94
CA ALA A 149 -1.97 35.52 12.50
C ALA A 149 -0.55 35.06 12.14
N PHE A 150 -0.04 34.08 12.88
CA PHE A 150 1.24 33.49 12.55
C PHE A 150 1.17 32.90 11.14
N LEU A 151 0.04 32.27 10.82
CA LEU A 151 -0.11 31.63 9.52
C LEU A 151 -0.20 32.66 8.44
N ALA A 152 -1.02 33.67 8.68
CA ALA A 152 -1.25 34.69 7.66
C ALA A 152 0.00 35.52 7.34
N ALA A 153 1.02 35.47 8.18
CA ALA A 153 2.30 36.10 7.86
C ALA A 153 3.08 35.37 6.78
N GLY A 154 2.71 34.13 6.49
CA GLY A 154 3.42 33.34 5.51
C GLY A 154 2.99 33.68 4.10
N GLY A 155 3.89 33.53 3.15
CA GLY A 155 3.56 33.72 1.73
C GLY A 155 3.08 32.42 1.11
N LEU A 156 2.43 32.55 -0.05
CA LEU A 156 1.78 31.42 -0.70
C LEU A 156 2.70 30.44 -1.36
N ALA A 157 3.96 30.80 -1.62
CA ALA A 157 4.88 29.85 -2.28
C ALA A 157 5.10 28.53 -1.52
N ASP A 158 4.96 27.43 -2.25
CA ASP A 158 5.34 26.11 -1.75
C ASP A 158 6.82 26.11 -1.38
N PRO A 159 7.19 25.51 -0.23
CA PRO A 159 8.61 25.34 0.08
C PRO A 159 9.39 24.48 -0.92
N ASP A 160 8.70 23.55 -1.58
CA ASP A 160 9.30 22.75 -2.66
C ASP A 160 10.70 22.24 -2.32
N LEU A 161 10.81 21.54 -1.20
CA LEU A 161 12.07 20.92 -0.80
C LEU A 161 12.04 19.43 -1.11
N ASP A 162 13.22 18.84 -1.25
CA ASP A 162 13.33 17.39 -1.44
C ASP A 162 13.35 16.70 -0.06
N ILE A 163 12.17 16.40 0.45
CA ILE A 163 12.03 15.83 1.75
C ILE A 163 12.14 14.32 1.63
N ASP A 164 12.85 13.72 2.57
CA ASP A 164 12.94 12.30 2.65
C ASP A 164 11.72 11.79 3.41
N PRO A 165 10.88 10.97 2.76
CA PRO A 165 9.64 10.50 3.37
C PRO A 165 9.84 9.48 4.47
N ASP A 166 11.05 8.93 4.57
CA ASP A 166 11.38 8.12 5.73
C ASP A 166 11.53 8.90 7.02
N SER A 167 11.77 10.20 6.94
CA SER A 167 11.88 11.00 8.18
C SER A 167 10.52 11.06 8.91
N PRO A 168 10.54 11.03 10.25
CA PRO A 168 9.34 11.26 11.05
C PRO A 168 8.53 12.51 10.70
N VAL A 169 7.22 12.37 10.63
CA VAL A 169 6.32 13.51 10.50
C VAL A 169 5.25 13.53 11.60
N LEU A 170 4.88 12.37 12.16
CA LEU A 170 3.91 12.30 13.26
C LEU A 170 4.48 11.53 14.45
N VAL A 171 4.32 12.09 15.65
CA VAL A 171 4.78 11.49 16.85
C VAL A 171 3.62 11.30 17.80
N LEU A 172 3.40 10.04 18.19
CA LEU A 172 2.36 9.70 19.13
C LEU A 172 3.01 9.06 20.35
N TYR A 173 2.73 9.62 21.53
CA TYR A 173 3.20 8.99 22.77
C TYR A 173 2.44 7.74 23.11
N THR A 174 3.18 6.66 23.38
CA THR A 174 2.65 5.42 23.93
C THR A 174 3.23 5.12 25.32
N ALA A 175 2.33 4.93 26.29
CA ALA A 175 2.71 4.63 27.69
C ALA A 175 3.27 3.22 27.87
N SER A 178 4.35 -0.30 33.31
CA SER A 178 5.47 0.47 33.83
C SER A 178 5.11 1.95 34.09
N GLY A 179 4.43 2.57 33.15
CA GLY A 179 4.11 4.00 33.25
C GLY A 179 5.14 4.91 32.62
N ARG A 180 5.94 4.38 31.70
CA ARG A 180 6.86 5.21 30.92
C ARG A 180 6.28 5.48 29.53
N GLN A 181 6.23 6.77 29.18
CA GLN A 181 5.67 7.20 27.91
C GLN A 181 6.78 7.41 26.94
N CYS A 182 6.59 6.97 25.70
CA CYS A 182 7.61 7.06 24.68
C CYS A 182 6.96 7.49 23.39
N GLY A 183 7.66 8.33 22.64
CA GLY A 183 7.09 8.92 21.43
C GLY A 183 7.43 8.09 20.22
N SER A 184 6.41 7.57 19.55
CA SER A 184 6.62 6.76 18.36
C SER A 184 6.73 7.67 17.15
N LEU A 185 7.83 7.48 16.43
CA LEU A 185 8.18 8.29 15.30
C LEU A 185 7.63 7.64 14.06
N LEU A 186 6.58 8.23 13.51
CA LEU A 186 5.97 7.72 12.30
C LEU A 186 6.28 8.61 11.08
N SER A 187 6.88 7.97 10.05
CA SER A 187 7.24 8.60 8.79
C SER A 187 6.09 8.78 7.82
N HIS A 188 6.33 9.66 6.85
CA HIS A 188 5.46 9.84 5.70
C HIS A 188 5.15 8.47 5.11
N THR A 189 6.20 7.66 4.94
CA THR A 189 6.07 6.31 4.38
C THR A 189 5.25 5.36 5.26
N ASN A 190 5.43 5.43 6.59
CA ASN A 190 4.55 4.67 7.48
C ASN A 190 3.09 4.98 7.24
N LEU A 191 2.73 6.25 7.08
CA LEU A 191 1.31 6.64 7.09
C LEU A 191 0.68 6.44 5.72
N ILE A 192 1.49 6.58 4.67
CA ILE A 192 0.97 6.41 3.33
C ILE A 192 0.73 4.91 3.11
N ALA A 193 1.64 4.08 3.60
CA ALA A 193 1.47 2.63 3.51
C ALA A 193 0.25 2.19 4.33
N ALA A 195 -2.17 4.05 5.17
CA ALA A 195 -3.37 4.63 4.56
C ALA A 195 -3.81 3.82 3.34
N THR A 196 -2.84 3.35 2.57
CA THR A 196 -3.10 2.61 1.36
C THR A 196 -3.72 1.26 1.67
N ALA A 197 -3.26 0.63 2.76
CA ALA A 197 -3.81 -0.67 3.19
C ALA A 197 -5.24 -0.49 3.72
N ALA A 198 -5.45 0.56 4.48
CA ALA A 198 -6.75 0.88 5.03
C ALA A 198 -7.76 1.13 3.91
N ALA A 199 -7.31 1.75 2.83
CA ALA A 199 -8.20 2.04 1.70
C ALA A 199 -8.76 0.73 1.09
N TRP A 200 -7.96 -0.33 1.10
CA TRP A 200 -8.42 -1.63 0.64
C TRP A 200 -9.34 -2.33 1.65
N LEU A 201 -9.03 -2.20 2.94
CA LEU A 201 -9.83 -2.80 4.01
C LEU A 201 -11.22 -2.22 4.13
N GLY A 202 -11.34 -0.90 3.99
CA GLY A 202 -12.62 -0.23 4.15
C GLY A 202 -13.25 0.35 2.88
N ASP A 203 -12.68 0.05 1.72
CA ASP A 203 -13.22 0.56 0.44
C ASP A 203 -13.37 2.10 0.46
N ILE A 204 -12.27 2.79 0.79
CA ILE A 204 -12.29 4.23 0.93
C ILE A 204 -11.99 4.84 -0.42
N ASP A 205 -12.66 5.92 -0.75
CA ASP A 205 -12.27 6.75 -1.90
C ASP A 205 -12.58 8.26 -1.73
N HIS A 206 -12.61 8.99 -2.85
CA HIS A 206 -12.84 10.46 -2.87
C HIS A 206 -14.19 10.87 -2.34
N THR A 207 -15.15 9.94 -2.38
CA THR A 207 -16.49 10.18 -1.83
C THR A 207 -16.55 9.94 -0.34
N THR A 208 -15.49 9.40 0.25
CA THR A 208 -15.52 9.21 1.69
C THR A 208 -15.65 10.57 2.43
N ALA A 209 -16.52 10.60 3.45
CA ALA A 209 -16.62 11.69 4.40
C ALA A 209 -16.48 11.10 5.82
N PHE A 210 -15.31 11.26 6.41
CA PHE A 210 -15.00 10.68 7.69
C PHE A 210 -15.07 11.75 8.80
N LEU A 211 -15.97 11.50 9.75
CA LEU A 211 -16.04 12.26 10.98
C LEU A 211 -14.91 11.85 11.94
N ASN A 212 -14.03 12.81 12.22
CA ASN A 212 -12.89 12.63 13.12
C ASN A 212 -13.32 12.76 14.58
N SER A 213 -13.98 11.72 15.07
CA SER A 213 -14.51 11.70 16.45
C SER A 213 -13.67 10.86 17.42
N GLY A 214 -12.58 10.28 16.93
CA GLY A 214 -11.61 9.59 17.77
C GLY A 214 -10.52 10.59 18.13
N PRO A 215 -9.69 10.26 19.12
CA PRO A 215 -8.66 11.27 19.44
C PRO A 215 -7.43 11.21 18.53
N PHE A 217 -4.52 12.09 19.15
CA PHE A 217 -3.28 11.72 19.84
C PHE A 217 -3.02 10.21 19.82
N HIS A 218 -3.96 9.45 19.29
CA HIS A 218 -3.94 8.00 19.22
C HIS A 218 -4.10 7.51 17.80
N ILE A 219 -3.39 6.44 17.46
CA ILE A 219 -3.28 5.92 16.09
C ILE A 219 -4.63 5.54 15.47
N GLY A 220 -5.61 5.29 16.31
CA GLY A 220 -6.91 4.79 15.87
C GLY A 220 -7.64 5.64 14.85
N ASN A 221 -7.93 6.87 15.25
CA ASN A 221 -8.51 7.86 14.38
C ASN A 221 -7.74 8.05 13.06
N HIS A 222 -6.41 7.91 13.10
CA HIS A 222 -5.57 8.06 11.92
C HIS A 222 -5.69 6.90 10.94
N GLN A 223 -5.75 5.70 11.48
CA GLN A 223 -5.87 4.53 10.60
C GLN A 223 -7.31 4.36 10.11
N PHE A 224 -8.27 4.64 10.99
CA PHE A 224 -9.69 4.53 10.61
C PHE A 224 -10.47 5.79 10.97
N TRP A 225 -10.52 6.75 10.06
CA TRP A 225 -10.03 6.66 8.70
C TRP A 225 -9.41 7.98 8.25
N GLY A 226 -8.98 8.81 9.18
CA GLY A 226 -8.42 10.13 8.86
C GLY A 226 -7.48 10.11 7.67
N PRO A 228 -6.46 7.57 5.45
CA PRO A 228 -6.88 7.06 4.14
C PRO A 228 -7.84 8.00 3.41
N THR A 229 -8.71 8.65 4.17
CA THR A 229 -9.55 9.68 3.62
C THR A 229 -8.66 10.74 2.98
N LEU A 230 -7.76 11.30 3.77
CA LEU A 230 -6.85 12.32 3.26
C LEU A 230 -6.15 11.81 1.98
N LEU A 231 -5.64 10.58 2.03
CA LEU A 231 -4.93 10.00 0.90
C LEU A 231 -5.77 9.87 -0.36
N ALA A 233 -8.29 11.63 -1.11
CA ALA A 233 -8.89 12.95 -1.44
C ALA A 233 -10.34 13.14 -0.95
N GLY A 234 -10.73 12.40 0.09
CA GLY A 234 -12.07 12.46 0.65
C GLY A 234 -12.18 13.63 1.62
N LYS A 235 -13.33 13.76 2.28
CA LYS A 235 -13.56 14.89 3.21
C LYS A 235 -13.34 14.47 4.64
N ASN A 236 -12.57 15.27 5.38
CA ASN A 236 -12.34 15.04 6.79
C ASN A 236 -13.11 16.09 7.57
N VAL A 237 -14.07 15.67 8.38
CA VAL A 237 -14.86 16.57 9.25
C VAL A 237 -14.43 16.39 10.72
N ILE A 238 -14.07 17.49 11.37
CA ILE A 238 -13.47 17.44 12.70
C ILE A 238 -14.53 17.73 13.77
N VAL A 239 -14.34 17.13 14.93
CA VAL A 239 -15.09 17.51 16.12
C VAL A 239 -14.13 17.57 17.27
N ARG A 240 -14.32 18.59 18.10
CA ARG A 240 -13.42 18.88 19.20
C ARG A 240 -13.60 17.84 20.33
N ARG A 241 -14.84 17.68 20.81
CA ARG A 241 -15.15 16.62 21.77
C ARG A 241 -16.33 15.80 21.26
N VAL A 242 -16.60 14.68 21.89
CA VAL A 242 -17.61 13.74 21.43
C VAL A 242 -18.92 13.85 22.21
N VAL A 243 -19.80 14.74 21.75
CA VAL A 243 -21.16 14.86 22.30
C VAL A 243 -22.17 14.35 21.28
N ALA A 244 -23.07 13.46 21.70
CA ALA A 244 -23.86 12.65 20.77
C ALA A 244 -24.74 13.43 19.79
N GLU A 245 -25.30 14.56 20.22
CA GLU A 245 -26.24 15.29 19.35
C GLU A 245 -25.46 16.12 18.31
N GLU A 246 -24.44 16.81 18.77
CA GLU A 246 -23.40 17.37 17.90
C GLU A 246 -23.05 16.37 16.80
N VAL A 247 -22.64 15.18 17.24
CA VAL A 247 -22.19 14.11 16.36
C VAL A 247 -23.35 13.76 15.44
N ARG A 248 -24.51 13.48 16.05
CA ARG A 248 -25.72 13.18 15.28
C ARG A 248 -25.90 14.19 14.14
N ASP A 249 -25.86 15.48 14.50
CA ASP A 249 -26.18 16.55 13.56
C ASP A 249 -25.14 16.61 12.45
N LEU A 250 -23.87 16.44 12.81
CA LEU A 250 -22.79 16.46 11.82
C LEU A 250 -22.79 15.26 10.88
N LEU A 251 -23.32 14.11 11.31
CA LEU A 251 -23.47 12.97 10.42
C LEU A 251 -24.48 13.32 9.35
N VAL A 252 -25.54 13.98 9.80
CA VAL A 252 -26.61 14.48 8.94
C VAL A 252 -26.14 15.64 8.02
N ALA A 253 -25.67 16.72 8.64
CA ALA A 253 -25.20 17.90 7.92
C ALA A 253 -24.16 17.59 6.84
N GLU A 254 -23.06 16.95 7.23
CA GLU A 254 -21.94 16.68 6.30
C GLU A 254 -22.04 15.36 5.56
N GLU A 255 -23.10 14.59 5.82
CA GLU A 255 -23.37 13.36 5.11
C GLU A 255 -22.18 12.41 5.15
N CYS A 256 -21.74 12.08 6.36
CA CYS A 256 -20.57 11.23 6.55
C CYS A 256 -20.86 9.77 6.26
N THR A 257 -19.87 9.14 5.65
CA THR A 257 -19.93 7.76 5.34
C THR A 257 -19.27 6.94 6.43
N HIS A 258 -18.43 7.61 7.23
CA HIS A 258 -17.57 6.99 8.24
C HIS A 258 -17.42 7.90 9.45
N ALA A 259 -17.31 7.29 10.62
CA ALA A 259 -17.03 8.00 11.85
C ALA A 259 -16.33 7.07 12.85
N PHE A 260 -15.49 7.64 13.72
CA PHE A 260 -14.80 6.87 14.77
C PHE A 260 -15.66 6.90 16.02
N LEU A 261 -16.37 5.82 16.31
CA LEU A 261 -17.35 5.83 17.45
C LEU A 261 -17.34 4.54 18.23
N PRO A 263 -18.95 2.09 21.27
CA PRO A 263 -20.37 1.73 21.51
C PRO A 263 -21.17 2.61 22.47
N PRO A 264 -20.52 3.21 23.46
CA PRO A 264 -21.28 4.12 24.31
C PRO A 264 -21.90 5.32 23.57
N THR A 265 -21.23 5.85 22.55
CA THR A 265 -21.78 7.00 21.81
C THR A 265 -22.85 6.55 20.82
N VAL A 266 -22.54 5.48 20.09
CA VAL A 266 -23.52 4.78 19.24
C VAL A 266 -24.86 4.58 19.95
N ALA A 267 -24.82 4.08 21.18
CA ALA A 267 -26.04 3.80 21.94
C ALA A 267 -26.83 5.06 22.28
N GLU A 268 -26.13 6.18 22.46
CA GLU A 268 -26.75 7.46 22.83
C GLU A 268 -27.24 8.18 21.59
N ILE A 269 -26.51 8.04 20.49
CA ILE A 269 -26.98 8.54 19.21
C ILE A 269 -28.33 7.91 18.85
N VAL A 270 -28.40 6.58 19.00
CA VAL A 270 -29.57 5.78 18.63
C VAL A 270 -30.78 6.12 19.50
N ARG A 271 -30.55 6.61 20.71
CA ARG A 271 -31.64 7.05 21.57
C ARG A 271 -32.17 8.42 21.13
N LEU A 272 -31.27 9.37 20.94
CA LEU A 272 -31.64 10.75 20.61
C LEU A 272 -32.28 10.87 19.22
N ASN A 273 -31.78 10.07 18.28
CA ASN A 273 -32.34 10.03 16.94
C ASN A 273 -33.63 9.17 16.83
N ARG A 274 -34.03 8.54 17.94
CA ARG A 274 -35.26 7.77 17.98
C ARG A 274 -36.44 8.63 17.56
N ASP A 275 -37.10 8.22 16.48
CA ASP A 275 -38.18 8.97 15.84
C ASP A 275 -37.94 10.49 15.82
N THR A 276 -36.92 10.88 15.05
CA THR A 276 -36.65 12.27 14.71
C THR A 276 -36.84 12.55 13.21
N GLY A 277 -36.78 11.48 12.40
CA GLY A 277 -36.76 11.60 10.94
C GLY A 277 -35.35 11.69 10.36
N HIS A 278 -34.38 12.14 11.18
CA HIS A 278 -33.01 12.38 10.70
C HIS A 278 -32.40 11.19 10.00
N ASP A 279 -31.80 11.45 8.85
CA ASP A 279 -31.21 10.41 8.03
C ASP A 279 -29.75 10.15 8.42
N LEU A 280 -29.50 9.01 9.06
CA LEU A 280 -28.14 8.53 9.33
C LEU A 280 -27.77 7.36 8.41
N SER A 281 -28.66 7.04 7.48
CA SER A 281 -28.45 5.96 6.53
C SER A 281 -27.16 6.05 5.69
N ARG A 282 -26.58 7.23 5.54
CA ARG A 282 -25.30 7.35 4.81
C ARG A 282 -24.16 6.63 5.54
N LEU A 283 -24.23 6.62 6.87
CA LEU A 283 -23.18 6.10 7.70
C LEU A 283 -23.07 4.60 7.53
N ARG A 284 -21.86 4.15 7.27
CA ARG A 284 -21.57 2.73 7.20
C ARG A 284 -21.03 2.27 8.54
N ALA A 285 -21.88 1.56 9.27
CA ALA A 285 -21.62 1.18 10.66
C ALA A 285 -20.62 0.02 10.72
N THR A 286 -19.47 0.28 11.33
CA THR A 286 -18.41 -0.69 11.46
C THR A 286 -18.30 -1.28 12.86
N VAL A 287 -18.38 -0.43 13.88
CA VAL A 287 -18.36 -0.87 15.26
C VAL A 287 -19.79 -1.08 15.75
N ALA A 288 -20.05 -2.30 16.24
CA ALA A 288 -21.34 -2.70 16.83
C ALA A 288 -22.52 -2.38 15.88
N PRO A 289 -22.52 -2.97 14.68
CA PRO A 289 -23.56 -2.64 13.70
C PRO A 289 -24.97 -2.84 14.23
N HIS A 290 -25.19 -3.95 14.95
CA HIS A 290 -26.49 -4.21 15.56
C HIS A 290 -27.03 -3.10 16.46
N LEU A 291 -26.14 -2.38 17.12
CA LEU A 291 -26.55 -1.35 18.09
C LEU A 291 -27.31 -0.18 17.46
N TRP A 292 -27.11 0.06 16.17
CA TRP A 292 -27.81 1.12 15.44
C TRP A 292 -29.28 0.83 15.21
N GLU A 293 -29.69 -0.43 15.39
CA GLU A 293 -31.09 -0.85 15.25
C GLU A 293 -31.64 -0.46 13.89
N GLY A 294 -30.80 -0.63 12.88
CA GLY A 294 -31.16 -0.31 11.50
C GLY A 294 -30.93 1.12 11.04
N ALA A 296 -28.41 3.26 10.79
CA ALA A 296 -27.31 3.42 9.86
C ALA A 296 -27.17 2.16 9.01
N THR A 297 -26.29 2.19 8.03
CA THR A 297 -26.16 1.12 7.06
C THR A 297 -24.99 0.24 7.45
N THR A 298 -25.25 -0.99 7.87
CA THR A 298 -24.15 -1.89 8.25
C THR A 298 -23.11 -1.93 7.13
N ASP A 299 -21.84 -1.81 7.51
CA ASP A 299 -20.71 -1.76 6.58
C ASP A 299 -20.46 -3.13 5.97
N THR A 300 -20.26 -3.17 4.65
CA THR A 300 -20.03 -4.40 3.91
C THR A 300 -18.57 -4.55 3.46
N SER A 301 -17.73 -3.63 3.92
CA SER A 301 -16.32 -3.66 3.61
C SER A 301 -15.69 -4.85 4.28
N ARG A 302 -14.49 -5.17 3.81
CA ARG A 302 -13.69 -6.26 4.34
C ARG A 302 -13.33 -6.06 5.81
N PHE A 303 -13.21 -4.80 6.20
CA PHE A 303 -13.01 -4.39 7.58
C PHE A 303 -14.11 -4.93 8.50
N THR A 304 -15.36 -4.68 8.17
CA THR A 304 -16.47 -5.16 9.01
C THR A 304 -16.78 -6.66 8.85
N ARG A 305 -16.95 -7.09 7.60
CA ARG A 305 -17.14 -8.50 7.22
C ARG A 305 -16.24 -9.51 7.90
N SER A 306 -14.99 -9.14 8.17
CA SER A 306 -14.00 -10.07 8.71
C SER A 306 -13.93 -10.11 10.25
N GLY A 307 -14.63 -9.20 10.92
CA GLY A 307 -14.59 -9.14 12.36
C GLY A 307 -13.52 -8.18 12.82
N ALA A 308 -12.74 -7.67 11.88
CA ALA A 308 -11.67 -6.76 12.22
C ALA A 308 -12.21 -5.49 12.89
N ALA A 309 -13.35 -4.99 12.41
CA ALA A 309 -14.04 -3.89 13.10
C ALA A 309 -14.35 -4.20 14.58
N ALA A 310 -14.61 -5.46 14.87
CA ALA A 310 -14.94 -5.90 16.22
C ALA A 310 -13.70 -6.39 17.01
N GLY A 311 -12.51 -6.08 16.51
CA GLY A 311 -11.28 -6.35 17.26
C GLY A 311 -10.57 -7.65 16.93
N ARG A 312 -11.01 -8.36 15.87
CA ARG A 312 -10.27 -9.53 15.40
C ARG A 312 -9.03 -9.08 14.62
N GLY A 313 -7.98 -8.78 15.36
CA GLY A 313 -6.73 -8.30 14.77
C GLY A 313 -5.59 -8.23 15.77
N TYR A 314 -4.43 -7.81 15.29
CA TYR A 314 -3.41 -7.37 16.20
C TYR A 314 -2.66 -6.15 15.66
N GLY A 315 -2.17 -5.33 16.57
CA GLY A 315 -1.22 -4.32 16.18
C GLY A 315 -0.89 -3.35 17.29
N GLN A 316 -0.13 -2.32 16.96
CA GLN A 316 0.19 -1.24 17.91
C GLN A 316 0.63 0.00 17.16
N THR A 317 0.79 1.10 17.86
CA THR A 317 1.29 2.35 17.27
C THR A 317 2.56 2.13 16.45
N GLU A 318 3.43 1.27 16.95
CA GLU A 318 4.75 1.09 16.38
C GLU A 318 4.71 0.33 15.06
N LEU A 319 3.56 -0.25 14.74
CA LEU A 319 3.33 -0.87 13.44
C LEU A 319 2.30 -0.06 12.63
N SER A 320 2.25 1.25 12.88
CA SER A 320 1.26 2.13 12.24
C SER A 320 -0.18 1.60 12.41
N GLY A 321 -0.44 0.92 13.52
CA GLY A 321 -1.78 0.52 13.89
C GLY A 321 -2.09 -0.95 13.70
N PHE A 322 -3.33 -1.23 13.30
CA PHE A 322 -3.86 -2.59 13.16
C PHE A 322 -3.31 -3.25 11.89
N ALA A 323 -2.17 -3.90 12.02
CA ALA A 323 -1.47 -4.41 10.86
C ALA A 323 -1.73 -5.91 10.63
N VAL A 324 -2.33 -6.59 11.59
CA VAL A 324 -2.68 -7.97 11.42
C VAL A 324 -4.19 -8.06 11.60
N THR A 325 -4.93 -8.58 10.62
CA THR A 325 -6.39 -8.62 10.73
C THR A 325 -6.98 -9.87 10.08
N ALA A 326 -8.19 -10.21 10.48
CA ALA A 326 -8.94 -11.28 9.85
C ALA A 326 -9.26 -10.97 8.37
N ALA A 327 -9.29 -9.67 8.00
CA ALA A 327 -9.50 -9.30 6.59
C ALA A 327 -8.35 -9.73 5.67
N TYR A 328 -7.16 -9.94 6.22
CA TYR A 328 -6.05 -10.42 5.42
C TYR A 328 -6.00 -11.95 5.47
N GLY A 329 -6.30 -12.60 4.37
CA GLY A 329 -6.18 -14.04 4.28
C GLY A 329 -7.37 -14.89 4.66
N GLY A 330 -8.52 -14.27 4.93
CA GLY A 330 -9.78 -15.00 5.09
C GLY A 330 -10.01 -15.64 6.47
N PRO A 331 -10.66 -16.83 6.49
CA PRO A 331 -11.02 -17.42 7.78
C PRO A 331 -9.80 -17.90 8.57
N ALA A 332 -9.82 -17.62 9.88
CA ALA A 332 -8.63 -17.82 10.71
C ALA A 332 -8.97 -18.41 12.05
N ALA A 333 -8.22 -19.45 12.41
CA ALA A 333 -8.28 -20.07 13.73
C ALA A 333 -7.77 -19.14 14.83
N GLY A 334 -6.65 -18.47 14.60
CA GLY A 334 -6.13 -17.50 15.56
C GLY A 334 -7.05 -16.30 15.65
N ASN A 335 -6.94 -15.53 16.73
CA ASN A 335 -7.87 -14.41 16.94
C ASN A 335 -7.48 -13.11 16.20
N ALA A 336 -6.24 -13.05 15.73
CA ALA A 336 -5.67 -11.83 15.19
C ALA A 336 -5.73 -11.81 13.67
N GLY A 337 -5.93 -12.97 13.06
CA GLY A 337 -5.86 -13.09 11.60
C GLY A 337 -4.44 -13.16 11.06
N ARG A 338 -4.16 -12.38 10.01
CA ARG A 338 -2.87 -12.43 9.34
C ARG A 338 -2.35 -11.04 8.94
N PRO A 339 -1.04 -10.88 8.78
CA PRO A 339 -0.42 -9.62 8.42
C PRO A 339 -0.81 -9.05 7.07
N GLY A 340 -1.00 -7.74 7.03
CA GLY A 340 -1.33 -7.05 5.79
C GLY A 340 -0.09 -6.96 4.93
N PRO A 341 -0.22 -6.34 3.75
CA PRO A 341 0.94 -5.98 2.98
C PRO A 341 1.66 -4.90 3.72
N GLY A 342 2.98 -4.87 3.59
CA GLY A 342 3.78 -3.89 4.30
C GLY A 342 4.32 -4.43 5.60
N LEU A 343 4.13 -5.74 5.84
CA LEU A 343 4.48 -6.37 7.12
C LEU A 343 4.73 -7.88 7.05
N THR A 344 5.87 -8.31 7.55
CA THR A 344 6.08 -9.69 7.86
C THR A 344 6.37 -9.85 9.35
N VAL A 345 5.97 -10.99 9.89
CA VAL A 345 5.93 -11.23 11.32
C VAL A 345 6.52 -12.60 11.68
N ARG A 346 7.18 -12.66 12.84
CA ARG A 346 7.66 -13.91 13.37
C ARG A 346 7.60 -13.89 14.89
N VAL A 347 7.25 -15.06 15.43
CA VAL A 347 7.18 -15.30 16.85
C VAL A 347 8.50 -15.89 17.29
N LEU A 348 9.26 -15.07 18.04
CA LEU A 348 10.57 -15.43 18.52
C LEU A 348 10.59 -15.80 20.02
N ASP A 349 11.39 -16.83 20.34
CA ASP A 349 11.57 -17.29 21.72
C ASP A 349 12.60 -16.42 22.42
N THR A 350 12.95 -16.76 23.64
CA THR A 350 13.87 -15.93 24.44
C THR A 350 15.31 -15.87 23.92
N ALA A 351 15.74 -16.91 23.21
CA ALA A 351 17.05 -16.93 22.54
C ALA A 351 17.04 -16.25 21.16
N GLY A 352 15.86 -15.87 20.67
CA GLY A 352 15.74 -15.23 19.36
C GLY A 352 15.55 -16.23 18.24
N ARG A 353 15.36 -17.50 18.61
CA ARG A 353 15.04 -18.56 17.66
C ARG A 353 13.53 -18.53 17.41
N GLU A 354 13.12 -18.88 16.21
CA GLU A 354 11.71 -18.83 15.88
C GLU A 354 10.95 -19.99 16.54
N CYS A 355 9.97 -19.66 17.37
CA CYS A 355 9.08 -20.65 17.98
C CYS A 355 8.42 -21.57 16.97
N ALA A 356 7.97 -22.73 17.43
CA ALA A 356 7.25 -23.64 16.55
C ALA A 356 5.79 -23.26 16.51
N VAL A 357 5.07 -23.88 15.59
CA VAL A 357 3.64 -23.72 15.49
C VAL A 357 2.97 -23.98 16.86
N GLY A 358 2.17 -23.04 17.33
CA GLY A 358 1.41 -23.19 18.57
C GLY A 358 2.21 -22.86 19.81
N GLU A 359 3.49 -22.52 19.64
CA GLU A 359 4.36 -22.17 20.77
C GLU A 359 4.37 -20.64 20.97
N ALA A 360 4.22 -20.22 22.22
CA ALA A 360 4.05 -18.81 22.56
C ALA A 360 5.36 -18.07 22.69
N GLY A 361 5.45 -16.90 22.04
CA GLY A 361 6.66 -16.10 22.08
C GLY A 361 6.41 -14.65 21.70
N GLU A 362 7.48 -13.88 21.62
CA GLU A 362 7.33 -12.48 21.31
C GLU A 362 6.99 -12.31 19.83
N ILE A 363 5.99 -11.46 19.57
CA ILE A 363 5.65 -11.07 18.22
C ILE A 363 6.69 -10.06 17.78
N CYS A 364 7.36 -10.35 16.67
CA CYS A 364 8.36 -9.44 16.09
C CYS A 364 8.05 -9.14 14.63
N ALA A 365 8.51 -8.00 14.14
CA ALA A 365 8.08 -7.54 12.84
C ALA A 365 9.16 -6.84 12.04
N ARG A 366 8.92 -6.86 10.73
CA ARG A 366 9.77 -6.26 9.74
C ARG A 366 8.85 -5.74 8.64
N GLY A 367 9.23 -4.65 7.99
CA GLY A 367 8.46 -4.14 6.86
C GLY A 367 8.16 -2.67 6.94
N THR A 368 7.32 -2.21 6.00
CA THR A 368 7.14 -0.80 5.71
C THR A 368 6.32 -0.07 6.77
N VAL A 369 5.38 -0.77 7.39
CA VAL A 369 4.58 -0.19 8.47
C VAL A 369 5.32 -0.02 9.80
N VAL A 370 6.50 -0.62 9.94
CA VAL A 370 7.22 -0.53 11.20
C VAL A 370 7.71 0.92 11.37
N HIS A 371 7.52 1.47 12.57
CA HIS A 371 7.92 2.85 12.87
C HIS A 371 9.44 3.04 12.91
N ARG A 372 9.87 4.29 12.92
CA ARG A 372 11.28 4.61 12.84
C ARG A 372 12.00 4.42 14.16
N GLY A 373 11.26 4.09 15.22
CA GLY A 373 11.77 4.12 16.59
C GLY A 373 11.00 5.07 17.52
N TYR A 374 11.33 5.02 18.82
CA TYR A 374 10.88 5.99 19.79
C TYR A 374 11.79 7.24 19.77
N TRP A 375 11.21 8.42 19.96
CA TRP A 375 12.02 9.65 20.03
C TRP A 375 12.87 9.68 21.29
N ASN A 376 14.15 10.02 21.13
CA ASN A 376 15.06 10.18 22.26
C ASN A 376 15.09 8.95 23.18
N ARG A 377 15.17 7.76 22.62
CA ARG A 377 15.31 6.53 23.44
C ARG A 377 16.36 5.64 22.83
N ASP A 378 17.61 6.06 22.86
CA ASP A 378 18.67 5.33 22.17
C ASP A 378 18.84 3.86 22.58
N GLU A 379 18.91 3.62 23.89
CA GLU A 379 19.24 2.28 24.38
C GLU A 379 18.10 1.28 24.14
N VAL A 380 16.87 1.74 24.33
CA VAL A 380 15.68 0.93 24.12
C VAL A 380 15.51 0.59 22.63
N ASN A 381 15.58 1.60 21.75
CA ASN A 381 15.47 1.35 20.32
C ASN A 381 16.53 0.33 19.89
N ALA A 382 17.77 0.51 20.35
CA ALA A 382 18.83 -0.43 20.02
C ALA A 382 18.49 -1.81 20.52
N HIS A 383 17.87 -1.91 21.69
CA HIS A 383 17.42 -3.21 22.21
C HIS A 383 16.20 -3.76 21.50
N ARG A 384 15.16 -2.93 21.34
CA ARG A 384 13.90 -3.40 20.71
C ARG A 384 14.06 -3.74 19.21
N PHE A 385 15.06 -3.16 18.53
CA PHE A 385 15.31 -3.46 17.11
C PHE A 385 16.41 -4.52 16.96
N ARG A 386 16.76 -5.24 18.03
CA ARG A 386 17.89 -6.17 17.95
C ARG A 386 17.66 -7.31 16.96
N SER A 387 18.59 -7.43 16.00
CA SER A 387 18.61 -8.44 14.91
C SER A 387 17.89 -7.99 13.64
N GLY A 388 17.59 -6.70 13.54
CA GLY A 388 16.80 -6.20 12.42
C GLY A 388 15.33 -6.54 12.55
N TRP A 389 14.90 -6.88 13.76
CA TRP A 389 13.49 -7.11 14.04
C TRP A 389 12.93 -6.13 15.08
N TRP A 390 11.76 -5.56 14.80
CA TRP A 390 11.05 -4.80 15.83
C TRP A 390 10.37 -5.76 16.80
N HIS A 391 10.81 -5.74 18.04
CA HIS A 391 10.20 -6.51 19.12
C HIS A 391 9.01 -5.74 19.71
N THR A 392 7.83 -6.34 19.65
CA THR A 392 6.63 -5.58 20.02
C THR A 392 6.33 -5.57 21.50
N THR A 393 7.07 -6.41 22.26
CA THR A 393 6.77 -6.79 23.65
C THR A 393 5.37 -7.35 23.81
N ASP A 394 4.81 -7.90 22.74
CA ASP A 394 3.57 -8.60 22.85
C ASP A 394 3.84 -10.06 22.61
N LEU A 395 3.05 -10.89 23.28
CA LEU A 395 3.13 -12.33 23.20
C LEU A 395 2.10 -12.85 22.22
N GLY A 396 2.49 -13.76 21.34
CA GLY A 396 1.50 -14.48 20.53
C GLY A 396 1.96 -15.85 20.10
N ARG A 397 1.13 -16.49 19.28
CA ARG A 397 1.51 -17.72 18.61
C ARG A 397 0.89 -17.86 17.22
N ARG A 398 1.64 -18.46 16.30
CA ARG A 398 1.08 -18.93 15.03
C ARG A 398 0.30 -20.21 15.22
N GLU A 399 -0.82 -20.31 14.52
CA GLU A 399 -1.71 -21.45 14.62
C GLU A 399 -1.43 -22.41 13.47
N PRO A 400 -1.89 -23.67 13.59
CA PRO A 400 -1.69 -24.60 12.49
C PRO A 400 -2.09 -24.06 11.10
N ASP A 401 -3.06 -23.15 11.02
CA ASP A 401 -3.50 -22.66 9.70
C ASP A 401 -2.80 -21.36 9.23
N GLY A 402 -1.70 -21.01 9.90
CA GLY A 402 -0.93 -19.82 9.55
C GLY A 402 -1.43 -18.52 10.17
N SER A 403 -2.62 -18.51 10.75
CA SER A 403 -3.12 -17.31 11.44
C SER A 403 -2.41 -17.13 12.77
N LEU A 404 -2.58 -15.96 13.35
CA LEU A 404 -1.86 -15.52 14.51
C LEU A 404 -2.86 -15.28 15.59
N THR A 405 -2.39 -15.42 16.84
CA THR A 405 -3.20 -15.26 18.01
C THR A 405 -2.45 -14.31 18.91
N PHE A 406 -3.11 -13.23 19.34
CA PHE A 406 -2.52 -12.31 20.33
C PHE A 406 -2.89 -12.78 21.73
N LEU A 407 -1.89 -13.17 22.51
CA LEU A 407 -2.12 -13.71 23.84
C LEU A 407 -2.06 -12.64 24.91
N GLY A 408 -1.18 -11.66 24.72
CA GLY A 408 -1.00 -10.59 25.71
C GLY A 408 0.40 -10.02 25.65
N THR A 409 0.95 -9.71 26.82
CA THR A 409 2.20 -8.98 26.92
C THR A 409 3.32 -9.85 27.43
N THR A 410 4.55 -9.52 27.05
CA THR A 410 5.74 -10.19 27.60
C THR A 410 6.40 -9.40 28.70
N THR A 411 5.83 -8.25 29.07
CA THR A 411 6.43 -7.37 30.07
C THR A 411 6.29 -7.95 31.48
N ARG A 412 5.30 -8.82 31.66
CA ARG A 412 5.18 -9.59 32.89
C ARG A 412 5.66 -11.01 32.64
N LEU A 414 7.04 -14.73 35.10
CA LEU A 414 7.18 -15.41 36.38
C LEU A 414 8.52 -16.15 36.42
N LYS A 415 9.18 -16.11 37.58
CA LYS A 415 10.39 -16.90 37.78
C LYS A 415 10.12 -18.41 37.77
N SER A 416 11.09 -19.16 37.26
CA SER A 416 10.98 -20.61 37.14
C SER A 416 12.37 -21.23 37.12
N ALA A 417 12.48 -22.44 37.70
CA ALA A 417 13.70 -23.23 37.56
C ALA A 417 13.87 -23.77 36.12
N ALA A 418 12.76 -24.02 35.44
CA ALA A 418 12.78 -24.56 34.06
C ALA A 418 13.07 -23.50 33.01
N GLU A 419 12.37 -22.37 33.13
CA GLU A 419 12.39 -21.30 32.15
C GLU A 419 11.22 -20.40 32.49
N ASN A 420 11.48 -19.10 32.49
CA ASN A 420 10.51 -18.14 32.97
C ASN A 420 9.20 -18.27 32.24
N ILE A 421 8.13 -18.20 32.98
CA ILE A 421 6.79 -18.36 32.43
C ILE A 421 6.14 -17.01 32.08
N PHE A 422 5.34 -16.99 31.01
CA PHE A 422 4.52 -15.82 30.68
C PHE A 422 3.14 -16.02 31.28
N PRO A 423 2.76 -15.17 32.25
CA PRO A 423 1.39 -15.32 32.78
C PRO A 423 0.30 -15.14 31.72
N ALA A 424 0.56 -14.30 30.72
CA ALA A 424 -0.40 -14.07 29.65
C ALA A 424 -0.78 -15.34 28.90
N GLU A 425 0.13 -16.29 28.81
CA GLU A 425 -0.15 -17.59 28.20
C GLU A 425 -1.21 -18.38 29.01
N VAL A 426 -0.99 -18.45 30.31
CA VAL A 426 -1.88 -19.15 31.19
C VAL A 426 -3.23 -18.41 31.23
N GLU A 427 -3.19 -17.11 31.53
CA GLU A 427 -4.36 -16.23 31.42
C GLU A 427 -5.25 -16.54 30.20
N ASN A 428 -4.64 -16.57 29.04
CA ASN A 428 -5.40 -16.79 27.82
C ASN A 428 -6.12 -18.14 27.75
N CYS A 429 -5.39 -19.20 28.03
CA CYS A 429 -5.95 -20.53 27.97
C CYS A 429 -7.04 -20.71 29.05
N ILE A 430 -6.86 -20.14 30.23
CA ILE A 430 -7.96 -20.11 31.19
C ILE A 430 -9.16 -19.30 30.65
N GLU A 431 -8.92 -18.12 30.07
CA GLU A 431 -9.96 -17.29 29.46
C GLU A 431 -10.73 -17.99 28.33
N GLN A 432 -10.14 -19.04 27.76
CA GLN A 432 -10.84 -19.90 26.80
C GLN A 432 -12.03 -20.63 27.44
N HIS A 433 -11.87 -21.08 28.68
CA HIS A 433 -12.95 -21.79 29.36
C HIS A 433 -14.23 -20.95 29.19
N PRO A 434 -15.33 -21.61 28.74
CA PRO A 434 -16.52 -20.85 28.34
C PRO A 434 -17.30 -20.21 29.48
N ALA A 435 -17.02 -20.60 30.72
CA ALA A 435 -17.66 -20.04 31.89
C ALA A 435 -16.88 -18.89 32.50
N VAL A 436 -15.64 -18.69 32.06
CA VAL A 436 -14.77 -17.66 32.61
C VAL A 436 -14.86 -16.41 31.77
N ARG A 437 -15.17 -15.27 32.38
CA ARG A 437 -15.20 -14.00 31.62
C ARG A 437 -13.79 -13.45 31.44
N GLU A 438 -13.02 -13.42 32.54
CA GLU A 438 -11.64 -12.94 32.51
C GLU A 438 -10.80 -13.69 33.51
N ALA A 439 -9.49 -13.71 33.27
CA ALA A 439 -8.52 -14.36 34.17
C ALA A 439 -7.24 -13.53 34.27
N ALA A 440 -6.72 -13.41 35.49
CA ALA A 440 -5.47 -12.73 35.75
C ALA A 440 -4.52 -13.65 36.56
N VAL A 441 -3.26 -13.74 36.14
CA VAL A 441 -2.29 -14.61 36.78
C VAL A 441 -1.14 -13.83 37.45
N ILE A 442 -0.92 -14.14 38.73
CA ILE A 442 0.15 -13.56 39.51
C ILE A 442 1.10 -14.63 40.08
N GLY A 443 2.24 -14.15 40.56
CA GLY A 443 3.28 -15.01 41.06
C GLY A 443 3.40 -14.90 42.56
N VAL A 444 3.42 -16.05 43.24
CA VAL A 444 3.58 -16.10 44.69
C VAL A 444 4.98 -16.67 45.01
N PRO A 445 5.78 -15.94 45.83
CA PRO A 445 7.14 -16.40 46.19
C PRO A 445 7.22 -17.87 46.64
N ASN A 446 8.11 -18.63 46.02
CA ASN A 446 8.35 -20.02 46.36
C ASN A 446 9.84 -20.21 46.30
N THR A 447 10.50 -19.82 47.38
CA THR A 447 11.95 -19.62 47.43
C THR A 447 12.43 -18.50 46.47
N ARG A 448 13.70 -18.20 46.62
CA ARG A 448 14.46 -17.29 45.77
C ARG A 448 14.27 -17.48 44.28
N TRP A 449 14.18 -18.74 43.84
CA TRP A 449 14.32 -19.07 42.42
C TRP A 449 13.01 -19.17 41.65
N ALA A 450 11.88 -19.14 42.34
CA ALA A 450 10.61 -19.37 41.65
C ALA A 450 9.41 -18.77 42.35
N GLN A 451 8.31 -18.71 41.63
CA GLN A 451 7.03 -18.26 42.15
C GLN A 451 5.97 -19.28 41.75
N ASP A 452 4.93 -19.39 42.56
CA ASP A 452 3.81 -20.26 42.25
C ASP A 452 2.84 -19.54 41.34
N VAL A 453 2.25 -20.31 40.44
CA VAL A 453 1.28 -19.75 39.52
C VAL A 453 -0.04 -19.64 40.27
N LYS A 454 -0.51 -18.40 40.47
CA LYS A 454 -1.81 -18.18 41.09
C LYS A 454 -2.79 -17.49 40.17
N ALA A 455 -3.91 -18.16 39.91
CA ALA A 455 -4.97 -17.61 39.06
C ALA A 455 -6.10 -16.91 39.83
N VAL A 456 -6.45 -15.72 39.38
CA VAL A 456 -7.61 -14.99 39.86
C VAL A 456 -8.63 -14.90 38.72
N VAL A 457 -9.78 -15.51 38.96
CA VAL A 457 -10.71 -15.84 37.91
C VAL A 457 -12.03 -15.12 38.09
N VAL A 458 -12.48 -14.42 37.04
CA VAL A 458 -13.79 -13.78 37.01
C VAL A 458 -14.72 -14.58 36.09
N LEU A 459 -15.78 -15.12 36.69
CA LEU A 459 -16.69 -15.97 35.97
C LEU A 459 -17.81 -15.16 35.34
N GLU A 460 -18.44 -15.73 34.32
CA GLU A 460 -19.70 -15.21 33.84
C GLU A 460 -20.73 -15.41 34.96
N PRO A 461 -21.66 -14.43 35.13
CA PRO A 461 -22.52 -14.37 36.32
C PRO A 461 -23.36 -15.63 36.56
N ASP A 462 -23.75 -16.30 35.48
CA ASP A 462 -24.59 -17.49 35.53
C ASP A 462 -23.82 -18.81 35.43
N ALA A 463 -22.53 -18.81 35.73
CA ALA A 463 -21.72 -20.03 35.55
C ALA A 463 -21.11 -20.59 36.84
N GLY A 464 -20.94 -21.91 36.88
CA GLY A 464 -20.25 -22.60 37.96
C GLY A 464 -19.03 -23.32 37.44
N VAL A 465 -17.98 -23.37 38.26
CA VAL A 465 -16.75 -24.08 37.92
C VAL A 465 -15.86 -24.09 39.18
N SER A 466 -15.19 -25.21 39.43
CA SER A 466 -14.31 -25.34 40.59
C SER A 466 -12.88 -24.93 40.25
N GLU A 467 -12.09 -24.65 41.30
CA GLU A 467 -10.63 -24.44 41.19
C GLU A 467 -10.03 -25.58 40.38
N GLN A 468 -10.41 -26.80 40.73
CA GLN A 468 -9.86 -27.98 40.09
C GLN A 468 -10.28 -28.12 38.62
N GLU A 469 -11.54 -27.86 38.33
CA GLU A 469 -12.07 -27.93 36.97
C GLU A 469 -11.38 -26.93 36.02
N ILE A 470 -10.97 -25.77 36.55
CA ILE A 470 -10.20 -24.78 35.80
C ILE A 470 -8.78 -25.27 35.57
N ILE A 471 -8.11 -25.70 36.64
CA ILE A 471 -6.75 -26.21 36.55
C ILE A 471 -6.71 -27.33 35.50
N ASP A 472 -7.62 -28.29 35.63
CA ASP A 472 -7.73 -29.39 34.66
C ASP A 472 -7.84 -28.92 33.21
N HIS A 473 -8.60 -27.86 32.98
CA HIS A 473 -8.84 -27.31 31.64
C HIS A 473 -7.55 -26.93 30.88
N CYS A 474 -6.53 -26.45 31.59
CA CYS A 474 -5.27 -26.01 30.97
C CYS A 474 -4.34 -27.16 30.56
N ARG A 475 -4.49 -28.32 31.21
CA ARG A 475 -3.54 -29.42 31.10
C ARG A 475 -3.12 -29.72 29.65
N PRO A 476 -4.10 -29.87 28.72
CA PRO A 476 -3.71 -30.20 27.33
C PRO A 476 -3.00 -29.12 26.49
N ARG A 477 -3.28 -27.83 26.74
CA ARG A 477 -2.60 -26.76 25.96
C ARG A 477 -1.41 -26.09 26.63
N ILE A 478 -1.24 -26.22 27.95
CA ILE A 478 0.03 -25.80 28.54
C ILE A 478 0.78 -26.94 29.25
N ALA A 479 2.10 -26.88 29.11
CA ALA A 479 3.03 -27.78 29.78
C ALA A 479 2.73 -27.91 31.27
N SER A 480 3.01 -29.09 31.81
CA SER A 480 2.80 -29.42 33.22
C SER A 480 3.38 -28.37 34.18
N TYR A 481 4.61 -27.94 33.94
CA TYR A 481 5.29 -27.04 34.87
C TYR A 481 4.69 -25.62 34.92
N LYS A 482 3.84 -25.27 33.97
CA LYS A 482 3.15 -23.96 33.91
C LYS A 482 1.77 -23.93 34.57
N LYS A 483 1.19 -25.09 34.86
CA LYS A 483 -0.22 -25.08 35.26
C LYS A 483 -0.33 -24.46 36.65
N PRO A 484 -1.46 -23.78 36.94
CA PRO A 484 -1.61 -23.10 38.21
C PRO A 484 -1.66 -24.00 39.45
N LYS A 485 -1.08 -23.51 40.54
CA LYS A 485 -1.12 -24.16 41.81
C LYS A 485 -2.49 -23.95 42.40
N SER A 486 -2.96 -22.69 42.37
CA SER A 486 -4.29 -22.34 42.91
C SER A 486 -5.06 -21.33 42.06
N VAL A 487 -6.38 -21.38 42.22
CA VAL A 487 -7.29 -20.46 41.57
C VAL A 487 -8.13 -19.77 42.63
N ALA A 488 -8.18 -18.44 42.57
CA ALA A 488 -9.10 -17.66 43.38
C ALA A 488 -10.19 -17.06 42.47
N PHE A 489 -11.35 -16.74 43.03
CA PHE A 489 -12.42 -16.18 42.22
C PHE A 489 -12.75 -14.81 42.69
N ALA A 490 -13.00 -13.90 41.74
CA ALA A 490 -13.40 -12.56 42.08
C ALA A 490 -14.58 -12.14 41.21
N ALA A 491 -15.32 -11.16 41.72
CA ALA A 491 -16.47 -10.59 41.03
C ALA A 491 -16.03 -9.80 39.82
N ALA A 492 -14.91 -9.10 39.96
CA ALA A 492 -14.22 -8.44 38.85
C ALA A 492 -12.75 -8.21 39.21
N LEU A 493 -11.89 -8.11 38.21
CA LEU A 493 -10.50 -7.80 38.48
C LEU A 493 -10.42 -6.31 38.84
N PRO A 494 -9.65 -5.95 39.88
CA PRO A 494 -9.45 -4.53 40.18
C PRO A 494 -8.76 -3.76 39.04
N ARG A 495 -9.11 -2.49 38.87
CA ARG A 495 -8.50 -1.68 37.81
C ARG A 495 -8.01 -0.33 38.31
N THR A 496 -7.26 0.37 37.47
CA THR A 496 -6.85 1.74 37.77
C THR A 496 -7.98 2.71 37.41
N VAL A 497 -7.73 4.03 37.55
CA VAL A 497 -8.71 5.04 37.15
C VAL A 497 -8.77 5.12 35.62
N SER A 498 -7.70 4.67 34.97
CA SER A 498 -7.62 4.49 33.52
C SER A 498 -8.35 3.24 33.02
N GLY A 499 -8.81 2.41 33.96
CA GLY A 499 -9.48 1.16 33.60
C GLY A 499 -8.58 0.05 33.11
N ALA A 500 -7.28 0.17 33.38
CA ALA A 500 -6.34 -0.91 33.06
C ALA A 500 -6.23 -1.85 34.25
N ARG A 501 -5.96 -3.12 33.96
CA ARG A 501 -5.69 -4.09 35.01
C ARG A 501 -4.70 -3.58 36.04
N ASP A 502 -5.04 -3.79 37.31
CA ASP A 502 -4.22 -3.39 38.42
C ASP A 502 -3.54 -4.62 39.07
N TYR A 503 -2.47 -5.09 38.46
CA TYR A 503 -1.71 -6.24 39.00
C TYR A 503 -1.05 -5.95 40.35
N ASP A 504 -0.77 -4.67 40.60
CA ASP A 504 -0.24 -4.25 41.89
C ASP A 504 -1.27 -4.53 42.98
N ALA A 505 -2.53 -4.25 42.69
CA ALA A 505 -3.58 -4.50 43.67
C ALA A 505 -3.76 -6.01 43.95
N LEU A 506 -3.67 -6.82 42.91
CA LEU A 506 -3.84 -8.25 43.07
C LEU A 506 -2.70 -8.77 43.88
N ASP A 507 -1.47 -8.45 43.47
CA ASP A 507 -0.30 -8.91 44.21
C ASP A 507 -0.63 -8.76 45.67
N LYS A 508 -1.05 -7.56 46.02
CA LYS A 508 -1.31 -7.18 47.38
C LYS A 508 -2.39 -8.08 48.00
N GLU A 509 -3.51 -8.26 47.30
CA GLU A 509 -4.62 -8.99 47.88
C GLU A 509 -4.34 -10.49 48.10
N TYR A 510 -3.56 -11.11 47.23
CA TYR A 510 -3.36 -12.57 47.26
C TYR A 510 -1.90 -12.97 47.45
N GLY A 511 -1.10 -12.07 48.02
CA GLY A 511 0.26 -12.39 48.43
C GLY A 511 1.19 -12.73 47.29
N GLY A 512 1.09 -11.99 46.19
CA GLY A 512 2.03 -12.10 45.09
C GLY A 512 3.32 -11.36 45.38
N GLY A 513 4.41 -11.80 44.75
CA GLY A 513 5.74 -11.21 44.93
C GLY A 513 6.85 -12.06 44.33
N GLY A 514 8.08 -11.54 44.34
CA GLY A 514 9.26 -12.31 43.93
C GLY A 514 9.35 -12.48 42.43
N TYR A 515 9.00 -11.43 41.69
CA TYR A 515 9.10 -11.42 40.23
C TYR A 515 10.55 -11.20 39.83
N PRO A 516 10.87 -11.42 38.54
CA PRO A 516 12.18 -10.98 38.01
C PRO A 516 12.39 -9.45 38.00
N GLN B 5 14.06 -0.48 7.19
CA GLN B 5 13.93 -1.77 6.47
C GLN B 5 12.52 -1.90 5.85
N HIS B 6 12.38 -1.50 4.59
CA HIS B 6 11.09 -1.52 3.92
C HIS B 6 10.86 -2.92 3.41
N THR B 7 9.60 -3.26 3.14
CA THR B 7 9.24 -4.60 2.68
C THR B 7 9.84 -4.89 1.29
N THR B 8 10.43 -6.08 1.16
CA THR B 8 10.98 -6.58 -0.10
C THR B 8 10.10 -7.70 -0.64
N ILE B 9 10.33 -8.09 -1.89
CA ILE B 9 9.57 -9.20 -2.50
C ILE B 9 9.85 -10.48 -1.70
N GLY B 10 11.03 -10.56 -1.11
CA GLY B 10 11.45 -11.74 -0.35
C GLY B 10 10.64 -11.86 0.91
N ASP B 11 10.47 -10.74 1.59
CA ASP B 11 9.64 -10.72 2.77
C ASP B 11 8.21 -11.22 2.45
N VAL B 12 7.67 -10.80 1.31
CA VAL B 12 6.32 -11.18 0.87
C VAL B 12 6.13 -12.70 0.78
N LEU B 13 7.09 -13.38 0.15
CA LEU B 13 7.13 -14.86 0.12
C LEU B 13 7.32 -15.53 1.49
N ARG B 14 8.25 -14.99 2.28
CA ARG B 14 8.54 -15.51 3.66
C ARG B 14 7.33 -15.39 4.56
N GLU B 15 6.46 -14.43 4.30
CA GLU B 15 5.27 -14.26 5.12
C GLU B 15 4.13 -15.16 4.66
N HIS B 16 3.99 -15.34 3.34
CA HIS B 16 2.92 -16.16 2.81
C HIS B 16 3.14 -17.63 3.10
N ARG B 17 4.40 -18.04 3.22
CA ARG B 17 4.71 -19.42 3.59
C ARG B 17 4.28 -19.74 5.03
N ARG B 18 4.41 -18.77 5.93
CA ARG B 18 3.98 -18.95 7.30
C ARG B 18 2.47 -18.73 7.48
N SER B 19 1.92 -17.78 6.72
CA SER B 19 0.52 -17.35 6.82
C SER B 19 -0.43 -18.19 6.00
N HIS B 20 0.07 -18.76 4.93
CA HIS B 20 -0.78 -19.58 4.09
C HIS B 20 -0.11 -20.94 3.81
N PRO B 21 0.00 -21.78 4.84
CA PRO B 21 0.73 -23.04 4.74
C PRO B 21 0.18 -24.05 3.74
N GLY B 22 -1.10 -23.98 3.38
CA GLY B 22 -1.65 -24.95 2.39
C GLY B 22 -2.31 -24.38 1.14
N ARG B 23 -2.16 -23.09 0.85
CA ARG B 23 -2.82 -22.51 -0.34
C ARG B 23 -1.94 -22.52 -1.59
N THR B 24 -2.56 -22.75 -2.74
CA THR B 24 -1.85 -22.81 -4.01
C THR B 24 -1.34 -21.43 -4.43
N ALA B 25 -0.06 -21.36 -4.75
CA ALA B 25 0.58 -20.14 -5.20
C ALA B 25 0.67 -20.11 -6.73
N LEU B 26 1.33 -21.11 -7.29
CA LEU B 26 1.52 -21.21 -8.73
C LEU B 26 0.93 -22.50 -9.26
N VAL B 27 0.34 -22.43 -10.45
CA VAL B 27 -0.01 -23.61 -11.22
C VAL B 27 0.48 -23.40 -12.64
N ASP B 28 1.11 -24.41 -13.23
CA ASP B 28 1.63 -24.32 -14.60
C ASP B 28 1.53 -25.67 -15.28
N GLY B 29 0.38 -25.91 -15.90
CA GLY B 29 0.11 -27.21 -16.50
C GLY B 29 0.02 -28.24 -15.38
N PRO B 30 0.99 -29.18 -15.33
CA PRO B 30 1.03 -30.22 -14.27
C PRO B 30 1.54 -29.76 -12.90
N VAL B 31 2.45 -28.78 -12.90
CA VAL B 31 3.04 -28.25 -11.66
C VAL B 31 2.04 -27.43 -10.83
N ARG B 32 2.05 -27.69 -9.52
CA ARG B 32 1.28 -26.93 -8.53
C ARG B 32 2.14 -26.67 -7.29
N LEU B 33 2.09 -25.46 -6.74
CA LEU B 33 2.98 -25.12 -5.64
C LEU B 33 2.20 -24.32 -4.64
N THR B 34 2.29 -24.72 -3.37
CA THR B 34 1.82 -23.92 -2.29
C THR B 34 2.93 -22.92 -1.99
N TRP B 35 2.64 -21.97 -1.11
CA TRP B 35 3.61 -20.95 -0.73
C TRP B 35 4.88 -21.53 -0.06
N PRO B 36 4.72 -22.55 0.84
CA PRO B 36 5.91 -23.20 1.38
C PRO B 36 6.76 -23.87 0.32
N GLU B 37 6.12 -24.51 -0.64
CA GLU B 37 6.84 -25.24 -1.67
C GLU B 37 7.61 -24.25 -2.55
N LEU B 38 6.97 -23.13 -2.85
CA LEU B 38 7.59 -22.08 -3.63
C LEU B 38 8.75 -21.46 -2.87
N ASP B 39 8.58 -21.16 -1.58
CA ASP B 39 9.67 -20.47 -0.87
C ASP B 39 10.90 -21.38 -0.76
N ASP B 40 10.67 -22.67 -0.51
CA ASP B 40 11.77 -23.62 -0.52
C ASP B 40 12.49 -23.65 -1.87
N ARG B 41 11.73 -23.70 -2.94
CA ARG B 41 12.32 -23.66 -4.28
C ARG B 41 13.04 -22.36 -4.58
N VAL B 42 12.42 -21.24 -4.22
CA VAL B 42 13.11 -19.96 -4.38
C VAL B 42 14.41 -19.96 -3.56
N ASN B 43 14.40 -20.57 -2.39
CA ASN B 43 15.62 -20.68 -1.58
C ASN B 43 16.69 -21.59 -2.17
N ARG B 44 16.26 -22.68 -2.79
CA ARG B 44 17.20 -23.55 -3.46
C ARG B 44 17.85 -22.78 -4.60
N LEU B 45 17.00 -22.23 -5.47
CA LEU B 45 17.41 -21.44 -6.62
C LEU B 45 18.39 -20.36 -6.20
N ALA B 46 18.04 -19.62 -5.15
CA ALA B 46 18.90 -18.53 -4.67
C ALA B 46 20.21 -19.05 -4.10
N GLY B 47 20.20 -20.31 -3.65
CA GLY B 47 21.42 -20.97 -3.16
C GLY B 47 22.44 -21.18 -4.26
N SER B 48 21.98 -21.77 -5.36
CA SER B 48 22.83 -22.03 -6.52
C SER B 48 23.21 -20.76 -7.28
N LEU B 49 22.38 -19.73 -7.23
CA LEU B 49 22.76 -18.46 -7.81
C LEU B 49 23.90 -17.83 -7.02
N ALA B 50 23.78 -17.86 -5.69
CA ALA B 50 24.82 -17.29 -4.83
C ALA B 50 26.10 -18.11 -4.96
N ALA B 51 25.94 -19.38 -5.31
CA ALA B 51 27.03 -20.31 -5.54
C ALA B 51 27.82 -19.98 -6.82
N SER B 52 27.11 -19.52 -7.86
CA SER B 52 27.72 -19.20 -9.13
C SER B 52 28.20 -17.76 -9.19
N GLY B 53 28.16 -17.05 -8.07
CA GLY B 53 28.70 -15.71 -7.97
C GLY B 53 27.68 -14.61 -8.07
N ILE B 54 26.40 -14.96 -8.28
CA ILE B 54 25.33 -13.94 -8.41
C ILE B 54 25.06 -13.29 -7.06
N GLY B 55 25.15 -11.97 -6.98
CA GLY B 55 24.87 -11.22 -5.74
C GLY B 55 24.27 -9.86 -6.04
N ARG B 56 24.56 -8.87 -5.21
CA ARG B 56 23.89 -7.56 -5.33
C ARG B 56 24.22 -6.83 -6.64
N GLY B 57 23.18 -6.48 -7.41
CA GLY B 57 23.35 -5.72 -8.66
C GLY B 57 23.68 -6.59 -9.88
N ASP B 58 23.72 -7.90 -9.69
CA ASP B 58 23.94 -8.83 -10.78
C ASP B 58 22.62 -9.04 -11.56
N ARG B 59 22.71 -9.72 -12.70
CA ARG B 59 21.68 -9.64 -13.73
C ARG B 59 21.40 -11.00 -14.37
N ILE B 60 20.12 -11.25 -14.60
CA ILE B 60 19.66 -12.50 -15.22
C ILE B 60 18.70 -12.19 -16.35
N TRP B 62 15.82 -13.77 -18.78
CA TRP B 62 14.92 -14.84 -19.17
C TRP B 62 14.69 -14.71 -20.69
N LEU B 63 14.84 -15.82 -21.40
CA LEU B 63 14.64 -15.86 -22.85
C LEU B 63 13.69 -16.99 -23.24
N GLY B 64 12.40 -16.78 -23.00
CA GLY B 64 11.37 -17.78 -23.30
C GLY B 64 9.96 -17.24 -23.14
N GLN B 65 8.98 -18.13 -23.19
CA GLN B 65 7.61 -17.72 -23.01
C GLN B 65 7.25 -17.70 -21.52
N ASN B 66 5.99 -17.43 -21.21
CA ASN B 66 5.50 -17.47 -19.83
C ASN B 66 5.74 -18.83 -19.16
N SER B 67 6.14 -18.78 -17.89
CA SER B 67 6.50 -19.95 -17.10
C SER B 67 6.39 -19.59 -15.65
N PHE B 68 6.04 -20.57 -14.82
CA PHE B 68 6.07 -20.38 -13.38
C PHE B 68 7.48 -20.01 -12.90
N ARG B 69 8.48 -20.46 -13.64
CA ARG B 69 9.88 -20.20 -13.31
C ARG B 69 10.24 -18.70 -13.36
N VAL B 70 9.49 -17.91 -14.11
CA VAL B 70 9.72 -16.48 -14.12
C VAL B 70 9.50 -15.89 -12.72
N TYR B 71 8.40 -16.30 -12.08
CA TYR B 71 8.11 -15.82 -10.73
C TYR B 71 9.18 -16.24 -9.73
N GLU B 72 9.62 -17.49 -9.82
CA GLU B 72 10.65 -18.05 -8.94
C GLU B 72 11.95 -17.28 -9.08
N LEU B 73 12.38 -17.10 -10.32
CA LEU B 73 13.60 -16.36 -10.57
C LEU B 73 13.52 -14.95 -10.01
N ILE B 74 12.41 -14.28 -10.26
CA ILE B 74 12.24 -12.93 -9.76
C ILE B 74 12.43 -12.94 -8.24
N ALA B 75 11.78 -13.87 -7.54
CA ALA B 75 11.88 -13.93 -6.07
C ALA B 75 13.31 -14.21 -5.60
N ALA B 76 13.95 -15.20 -6.20
CA ALA B 76 15.33 -15.56 -5.88
C ALA B 76 16.29 -14.40 -6.13
N ALA B 77 16.23 -13.81 -7.31
CA ALA B 77 17.05 -12.63 -7.61
C ALA B 77 16.78 -11.55 -6.60
N GLY B 78 15.50 -11.36 -6.28
CA GLY B 78 15.11 -10.38 -5.27
C GLY B 78 15.75 -10.61 -3.91
N LYS B 79 15.76 -11.86 -3.44
CA LYS B 79 16.43 -12.24 -2.20
C LYS B 79 17.95 -12.03 -2.22
N LEU B 80 18.56 -11.92 -3.39
CA LEU B 80 19.98 -11.59 -3.45
C LEU B 80 20.26 -10.14 -3.82
N GLY B 81 19.23 -9.38 -4.14
CA GLY B 81 19.42 -8.00 -4.57
C GLY B 81 19.92 -7.95 -5.99
N ALA B 82 19.59 -9.01 -6.73
CA ALA B 82 19.83 -9.08 -8.18
C ALA B 82 18.54 -8.79 -8.96
N VAL B 84 16.07 -9.49 -12.70
CA VAL B 84 15.72 -10.35 -13.87
C VAL B 84 15.14 -9.53 -15.03
N CYS B 85 15.74 -9.64 -16.21
CA CYS B 85 15.12 -9.05 -17.40
C CYS B 85 14.28 -10.09 -18.09
N VAL B 86 12.99 -9.84 -18.17
CA VAL B 86 12.08 -10.76 -18.85
C VAL B 86 12.05 -10.34 -20.30
N GLY B 87 12.88 -10.95 -21.13
CA GLY B 87 13.11 -10.51 -22.52
C GLY B 87 12.07 -10.98 -23.50
N TYR B 88 12.08 -10.42 -24.70
CA TYR B 88 11.05 -10.68 -25.70
C TYR B 88 11.37 -11.96 -26.45
N TRP B 89 10.48 -12.94 -26.33
CA TRP B 89 10.80 -14.25 -26.85
C TRP B 89 10.78 -14.28 -28.38
N ARG B 90 10.00 -13.39 -28.99
CA ARG B 90 9.97 -13.26 -30.46
C ARG B 90 11.11 -12.42 -31.09
N TRP B 91 12.05 -11.91 -30.30
CA TRP B 91 13.24 -11.27 -30.86
C TRP B 91 13.94 -12.08 -31.95
N ALA B 92 14.20 -11.45 -33.08
CA ALA B 92 15.08 -12.00 -34.10
C ALA B 92 16.49 -11.88 -33.56
N PRO B 93 17.47 -12.57 -34.17
CA PRO B 93 18.83 -12.55 -33.63
C PRO B 93 19.49 -11.15 -33.49
N PRO B 94 19.20 -10.20 -34.42
CA PRO B 94 19.85 -8.90 -34.23
C PRO B 94 19.38 -8.22 -32.95
N GLU B 95 18.07 -8.14 -32.75
CA GLU B 95 17.52 -7.55 -31.53
C GLU B 95 17.93 -8.37 -30.31
N GLU B 97 20.46 -10.27 -29.88
CA GLU B 97 21.89 -9.97 -29.65
C GLU B 97 22.06 -8.62 -28.95
N PHE B 98 21.31 -7.62 -29.40
CA PHE B 98 21.45 -6.27 -28.86
C PHE B 98 21.18 -6.30 -27.37
N ALA B 99 20.05 -6.89 -26.99
CA ALA B 99 19.69 -6.94 -25.59
C ALA B 99 20.73 -7.66 -24.75
N LEU B 100 21.30 -8.73 -25.31
CA LEU B 100 22.26 -9.51 -24.57
C LEU B 100 23.50 -8.66 -24.32
N ARG B 101 24.01 -8.02 -25.35
CA ARG B 101 25.17 -7.13 -25.18
C ARG B 101 24.82 -5.93 -24.29
N ASP B 102 23.57 -5.49 -24.33
CA ASP B 102 23.12 -4.35 -23.53
C ASP B 102 23.01 -4.73 -22.05
N PHE B 103 22.14 -5.68 -21.73
CA PHE B 103 21.84 -6.07 -20.34
C PHE B 103 23.01 -6.85 -19.72
N ASP B 104 23.84 -7.46 -20.56
CA ASP B 104 25.07 -8.10 -20.10
C ASP B 104 24.76 -9.01 -18.90
N PRO B 105 23.87 -10.00 -19.07
CA PRO B 105 23.55 -10.83 -17.92
C PRO B 105 24.73 -11.68 -17.51
N HIS B 106 24.76 -12.03 -16.23
CA HIS B 106 25.71 -13.03 -15.74
C HIS B 106 25.16 -14.41 -16.05
N LEU B 107 23.83 -14.54 -16.12
CA LEU B 107 23.19 -15.80 -16.39
C LEU B 107 22.04 -15.56 -17.32
N VAL B 108 21.83 -16.50 -18.24
CA VAL B 108 20.73 -16.48 -19.21
C VAL B 108 19.90 -17.77 -19.09
N VAL B 109 18.66 -17.67 -18.61
CA VAL B 109 17.73 -18.81 -18.65
C VAL B 109 16.95 -18.75 -19.95
N TRP B 110 16.92 -19.86 -20.70
CA TRP B 110 16.43 -19.86 -22.10
C TRP B 110 15.53 -21.06 -22.41
N GLN B 111 14.77 -20.94 -23.50
CA GLN B 111 13.74 -21.92 -23.84
C GLN B 111 14.07 -22.52 -25.19
N HIS B 112 14.12 -23.85 -25.23
CA HIS B 112 14.38 -24.57 -26.46
C HIS B 112 13.17 -24.50 -27.37
N GLN B 113 12.01 -24.95 -26.88
CA GLN B 113 10.81 -24.93 -27.70
C GLN B 113 10.66 -23.56 -28.41
N GLU B 114 10.31 -23.60 -29.69
CA GLU B 114 9.93 -22.40 -30.44
C GLU B 114 11.09 -21.59 -31.02
N ILE B 115 12.14 -21.36 -30.23
CA ILE B 115 13.12 -20.33 -30.58
C ILE B 115 14.58 -20.79 -30.58
N HIS B 116 14.81 -22.09 -30.35
CA HIS B 116 16.18 -22.62 -30.30
C HIS B 116 17.03 -22.26 -31.52
N GLU B 117 16.40 -22.21 -32.69
CA GLU B 117 17.09 -21.82 -33.91
C GLU B 117 17.69 -20.42 -33.71
N THR B 118 16.83 -19.47 -33.32
CA THR B 118 17.22 -18.07 -33.11
C THR B 118 18.22 -17.97 -31.98
N VAL B 119 17.99 -18.72 -30.90
CA VAL B 119 18.88 -18.69 -29.75
C VAL B 119 20.28 -19.12 -30.16
N ALA B 120 20.36 -20.24 -30.87
CA ALA B 120 21.65 -20.80 -31.36
C ALA B 120 22.45 -19.82 -32.21
N ARG B 121 21.80 -19.29 -33.24
CA ARG B 121 22.42 -18.31 -34.11
C ARG B 121 22.97 -17.12 -33.31
N THR B 122 22.17 -16.61 -32.37
CA THR B 122 22.55 -15.41 -31.60
C THR B 122 23.80 -15.64 -30.76
N ARG B 123 23.93 -16.83 -30.19
CA ARG B 123 25.13 -17.14 -29.39
C ARG B 123 26.36 -17.20 -30.26
N GLU B 124 26.21 -17.68 -31.49
CA GLU B 124 27.32 -17.68 -32.44
C GLU B 124 27.72 -16.27 -32.87
N ALA B 125 26.76 -15.37 -32.99
CA ALA B 125 27.11 -13.99 -33.29
C ALA B 125 27.83 -13.35 -32.11
N LEU B 126 27.51 -13.77 -30.90
CA LEU B 126 28.21 -13.26 -29.72
C LEU B 126 29.64 -13.79 -29.58
N GLY B 127 29.85 -15.05 -29.96
CA GLY B 127 31.16 -15.68 -29.93
C GLY B 127 31.81 -15.57 -28.57
N SER B 128 33.05 -15.11 -28.55
CA SER B 128 33.84 -15.04 -27.32
C SER B 128 33.40 -13.94 -26.33
N ASP B 129 32.36 -13.18 -26.69
CA ASP B 129 31.73 -12.24 -25.76
C ASP B 129 30.66 -12.94 -24.91
N ASP B 130 30.29 -14.17 -25.27
CA ASP B 130 29.25 -14.91 -24.53
C ASP B 130 29.84 -15.52 -23.26
N THR B 131 30.05 -14.69 -22.24
CA THR B 131 30.66 -15.15 -20.99
C THR B 131 29.61 -15.44 -19.91
N ALA B 132 28.47 -15.96 -20.34
CA ALA B 132 27.33 -16.12 -19.43
C ALA B 132 26.94 -17.58 -19.39
N ARG B 133 26.49 -18.03 -18.23
CA ARG B 133 25.94 -19.38 -18.12
C ARG B 133 24.53 -19.44 -18.70
N TRP B 134 24.27 -20.47 -19.47
CA TRP B 134 22.97 -20.66 -20.06
C TRP B 134 22.37 -21.89 -19.46
N LEU B 135 21.16 -21.76 -18.96
CA LEU B 135 20.39 -22.89 -18.46
C LEU B 135 19.12 -23.00 -19.28
N ARG B 136 18.86 -24.18 -19.83
CA ARG B 136 17.61 -24.43 -20.52
C ARG B 136 16.56 -24.64 -19.44
N HIS B 137 15.40 -23.99 -19.59
CA HIS B 137 14.32 -24.08 -18.60
C HIS B 137 13.33 -25.21 -18.88
N ASP B 138 13.05 -25.45 -20.16
CA ASP B 138 12.14 -26.50 -20.62
C ASP B 138 12.92 -27.77 -21.00
N SER B 139 14.01 -28.00 -20.26
CA SER B 139 14.87 -29.17 -20.45
C SER B 139 14.25 -30.39 -19.76
N ALA B 140 14.74 -31.58 -20.09
CA ALA B 140 14.46 -32.80 -19.31
C ALA B 140 14.99 -32.57 -17.89
N PRO B 141 14.19 -32.94 -16.88
CA PRO B 141 14.51 -32.53 -15.51
C PRO B 141 15.89 -32.99 -14.99
N GLN B 142 16.53 -33.92 -15.69
CA GLN B 142 17.87 -34.41 -15.37
C GLN B 142 19.00 -33.52 -15.92
N ASP B 143 18.70 -32.71 -16.94
CA ASP B 143 19.72 -31.99 -17.72
C ASP B 143 20.73 -31.24 -16.86
N PRO B 144 22.03 -31.55 -17.04
CA PRO B 144 23.12 -30.85 -16.32
C PRO B 144 23.29 -29.36 -16.70
N ASP B 145 22.91 -28.98 -17.91
CA ASP B 145 22.89 -27.57 -18.30
C ASP B 145 21.43 -27.12 -18.20
N GLY B 146 20.78 -27.52 -17.12
CA GLY B 146 19.34 -27.39 -16.95
C GLY B 146 18.98 -26.60 -15.71
N TYR B 147 17.85 -25.92 -15.79
CA TYR B 147 17.32 -25.11 -14.69
C TYR B 147 17.04 -26.01 -13.48
N GLU B 148 16.26 -27.08 -13.66
CA GLU B 148 15.78 -27.88 -12.55
C GLU B 148 16.91 -28.49 -11.73
N ALA B 149 17.95 -28.94 -12.42
CA ALA B 149 19.12 -29.50 -11.76
C ALA B 149 20.00 -28.37 -11.17
N PHE B 150 19.99 -27.19 -11.79
CA PHE B 150 20.62 -26.02 -11.15
C PHE B 150 20.02 -25.70 -9.79
N LEU B 151 18.69 -25.69 -9.73
CA LEU B 151 17.93 -25.40 -8.52
C LEU B 151 18.07 -26.51 -7.45
N ALA B 152 17.83 -27.77 -7.83
CA ALA B 152 17.91 -28.90 -6.88
C ALA B 152 19.24 -28.97 -6.09
N ALA B 153 20.34 -28.61 -6.72
CA ALA B 153 21.66 -28.55 -6.07
C ALA B 153 21.82 -27.49 -5.00
N GLY B 154 20.88 -26.55 -4.91
CA GLY B 154 20.89 -25.58 -3.80
C GLY B 154 20.17 -26.04 -2.54
N GLY B 155 20.57 -25.49 -1.39
CA GLY B 155 19.97 -25.84 -0.09
C GLY B 155 18.75 -24.98 0.30
N LEU B 156 18.04 -25.42 1.35
CA LEU B 156 16.75 -24.81 1.74
C LEU B 156 16.88 -23.51 2.53
N ALA B 157 18.09 -23.22 3.02
CA ALA B 157 18.29 -22.05 3.87
C ALA B 157 18.08 -20.74 3.10
N ASP B 158 17.11 -19.98 3.57
CA ASP B 158 16.89 -18.66 3.08
C ASP B 158 18.20 -17.84 3.30
N PRO B 159 18.64 -17.11 2.27
CA PRO B 159 19.87 -16.35 2.49
C PRO B 159 19.75 -15.17 3.48
N ASP B 160 18.53 -14.78 3.88
CA ASP B 160 18.31 -13.71 4.86
C ASP B 160 19.27 -12.54 4.67
N LEU B 161 19.17 -11.87 3.53
CA LEU B 161 20.01 -10.71 3.25
C LEU B 161 19.24 -9.42 3.40
N ASP B 162 19.90 -8.42 3.97
CA ASP B 162 19.28 -7.11 4.14
C ASP B 162 19.31 -6.38 2.78
N ILE B 163 18.26 -6.55 1.98
CA ILE B 163 18.26 -6.01 0.63
C ILE B 163 17.49 -4.67 0.55
N ASP B 164 18.15 -3.64 0.03
CA ASP B 164 17.48 -2.37 -0.26
C ASP B 164 16.40 -2.60 -1.31
N PRO B 165 15.12 -2.39 -0.94
CA PRO B 165 14.04 -2.65 -1.91
C PRO B 165 13.96 -1.64 -3.06
N ASP B 166 14.67 -0.53 -2.94
CA ASP B 166 14.89 0.39 -4.05
C ASP B 166 15.82 -0.15 -5.15
N SER B 167 16.50 -1.27 -4.91
CA SER B 167 17.29 -1.91 -5.95
C SER B 167 16.37 -2.51 -7.01
N PRO B 168 16.75 -2.43 -8.28
CA PRO B 168 15.93 -3.01 -9.34
C PRO B 168 15.77 -4.51 -9.18
N VAL B 169 14.59 -5.03 -9.53
CA VAL B 169 14.39 -6.50 -9.51
C VAL B 169 13.76 -7.06 -10.81
N LEU B 170 13.00 -6.21 -11.53
CA LEU B 170 12.38 -6.61 -12.79
C LEU B 170 12.74 -5.55 -13.83
N VAL B 171 13.28 -6.02 -14.95
CA VAL B 171 13.73 -5.16 -16.02
C VAL B 171 12.88 -5.43 -17.25
N LEU B 172 12.15 -4.42 -17.73
CA LEU B 172 11.30 -4.62 -18.86
C LEU B 172 11.80 -3.73 -19.97
N TYR B 173 12.06 -4.33 -21.12
CA TYR B 173 12.50 -3.56 -22.27
C TYR B 173 11.32 -2.84 -22.86
N THR B 174 11.43 -1.52 -23.00
CA THR B 174 10.35 -0.70 -23.56
C THR B 174 10.64 -0.39 -25.01
N ALA B 175 9.59 -0.56 -25.83
CA ALA B 175 9.70 -0.56 -27.29
C ALA B 175 9.30 0.79 -27.87
N SER B 178 10.37 5.12 -31.98
CA SER B 178 11.58 5.63 -32.64
C SER B 178 12.78 4.71 -32.47
N GLY B 179 12.52 3.41 -32.66
CA GLY B 179 13.56 2.41 -32.83
C GLY B 179 14.06 1.73 -31.57
N ARG B 180 15.08 2.35 -30.95
CA ARG B 180 15.93 1.68 -29.96
C ARG B 180 15.19 1.25 -28.70
N GLN B 181 15.46 0.02 -28.26
CA GLN B 181 14.85 -0.50 -27.05
C GLN B 181 15.70 -0.14 -25.81
N CYS B 182 15.01 0.15 -24.71
CA CYS B 182 15.66 0.50 -23.45
C CYS B 182 15.05 -0.28 -22.27
N GLY B 183 15.90 -0.77 -21.37
CA GLY B 183 15.50 -1.64 -20.26
C GLY B 183 15.15 -0.88 -18.99
N SER B 184 13.85 -0.81 -18.70
CA SER B 184 13.38 -0.07 -17.55
C SER B 184 13.58 -0.88 -16.27
N LEU B 185 14.14 -0.20 -15.28
CA LEU B 185 14.49 -0.80 -14.00
C LEU B 185 13.34 -0.57 -12.97
N LEU B 186 12.65 -1.66 -12.64
CA LEU B 186 11.58 -1.66 -11.66
C LEU B 186 12.03 -2.37 -10.38
N SER B 187 12.05 -1.58 -9.30
CA SER B 187 12.53 -2.01 -8.01
C SER B 187 11.44 -2.75 -7.31
N HIS B 188 11.78 -3.29 -6.14
CA HIS B 188 10.87 -4.09 -5.33
C HIS B 188 9.74 -3.17 -4.95
N THR B 189 10.12 -1.95 -4.56
CA THR B 189 9.17 -0.95 -4.13
C THR B 189 8.25 -0.57 -5.28
N ASN B 190 8.78 -0.35 -6.48
CA ASN B 190 7.89 -0.05 -7.63
C ASN B 190 6.79 -1.11 -7.73
N LEU B 191 7.13 -2.38 -7.74
CA LEU B 191 6.14 -3.49 -7.85
C LEU B 191 5.12 -3.61 -6.69
N ILE B 192 5.58 -3.39 -5.46
CA ILE B 192 4.70 -3.51 -4.33
C ILE B 192 3.78 -2.32 -4.30
N ALA B 193 4.31 -1.15 -4.66
CA ALA B 193 3.45 0.02 -4.76
C ALA B 193 2.42 -0.15 -5.88
N ALA B 195 1.22 -3.13 -7.00
CA ALA B 195 0.29 -4.22 -6.69
C ALA B 195 -0.72 -3.86 -5.61
N THR B 196 -0.36 -2.94 -4.72
CA THR B 196 -1.27 -2.48 -3.67
C THR B 196 -2.31 -1.55 -4.25
N ALA B 197 -1.88 -0.70 -5.16
CA ALA B 197 -2.81 0.13 -5.88
C ALA B 197 -3.81 -0.74 -6.64
N ALA B 198 -3.26 -1.68 -7.42
CA ALA B 198 -4.06 -2.60 -8.23
C ALA B 198 -4.98 -3.48 -7.42
N ALA B 199 -4.61 -3.82 -6.20
CA ALA B 199 -5.50 -4.65 -5.36
C ALA B 199 -6.77 -3.88 -4.97
N TRP B 200 -6.65 -2.55 -4.89
CA TRP B 200 -7.76 -1.64 -4.60
C TRP B 200 -8.65 -1.43 -5.82
N LEU B 201 -8.03 -1.37 -7.00
CA LEU B 201 -8.77 -1.18 -8.26
C LEU B 201 -9.59 -2.40 -8.62
N GLY B 202 -9.03 -3.58 -8.38
CA GLY B 202 -9.65 -4.84 -8.76
C GLY B 202 -10.40 -5.55 -7.65
N ASP B 203 -10.25 -5.07 -6.41
CA ASP B 203 -10.77 -5.79 -5.24
C ASP B 203 -10.14 -7.18 -5.20
N ILE B 204 -8.81 -7.21 -5.30
CA ILE B 204 -8.03 -8.46 -5.34
C ILE B 204 -7.70 -8.96 -3.93
N ASP B 205 -7.84 -10.27 -3.70
CA ASP B 205 -7.51 -10.87 -2.39
C ASP B 205 -6.93 -12.27 -2.54
N HIS B 206 -6.81 -13.01 -1.45
CA HIS B 206 -6.25 -14.36 -1.43
C HIS B 206 -7.03 -15.42 -2.25
N THR B 207 -8.30 -15.13 -2.52
CA THR B 207 -9.20 -16.01 -3.26
C THR B 207 -9.18 -15.74 -4.76
N THR B 208 -8.41 -14.74 -5.18
CA THR B 208 -8.22 -14.41 -6.59
C THR B 208 -7.40 -15.49 -7.32
N ALA B 209 -7.96 -15.99 -8.41
CA ALA B 209 -7.23 -16.94 -9.26
C ALA B 209 -7.06 -16.27 -10.62
N PHE B 210 -5.80 -16.05 -11.01
CA PHE B 210 -5.52 -15.23 -12.19
C PHE B 210 -4.76 -15.98 -13.29
N LEU B 211 -5.38 -15.98 -14.47
CA LEU B 211 -4.80 -16.63 -15.63
C LEU B 211 -3.80 -15.70 -16.36
N ASN B 212 -2.53 -16.08 -16.36
CA ASN B 212 -1.46 -15.28 -16.94
C ASN B 212 -1.40 -15.45 -18.45
N SER B 213 -2.53 -15.17 -19.11
CA SER B 213 -2.58 -15.31 -20.56
C SER B 213 -2.03 -14.07 -21.28
N GLY B 214 -1.49 -13.11 -20.52
CA GLY B 214 -0.82 -11.93 -21.08
C GLY B 214 0.68 -12.13 -20.95
N PRO B 215 1.47 -11.46 -21.80
CA PRO B 215 2.91 -11.74 -21.85
C PRO B 215 3.75 -11.06 -20.75
N PHE B 217 6.93 -10.46 -20.54
CA PHE B 217 7.92 -9.50 -21.03
C PHE B 217 7.42 -8.05 -21.07
N HIS B 218 6.18 -7.82 -20.67
CA HIS B 218 5.52 -6.52 -20.76
C HIS B 218 4.76 -6.24 -19.46
N ILE B 219 4.58 -4.96 -19.14
CA ILE B 219 4.01 -4.56 -17.85
C ILE B 219 2.53 -4.95 -17.61
N GLY B 220 1.77 -5.05 -18.68
CA GLY B 220 0.35 -5.35 -18.60
C GLY B 220 -0.03 -6.52 -17.72
N ASN B 221 0.59 -7.67 -17.97
CA ASN B 221 0.29 -8.92 -17.25
C ASN B 221 0.71 -8.84 -15.79
N HIS B 222 1.84 -8.19 -15.54
CA HIS B 222 2.29 -7.95 -14.16
C HIS B 222 1.31 -7.11 -13.31
N GLN B 223 0.72 -6.06 -13.89
CA GLN B 223 -0.09 -5.17 -13.08
C GLN B 223 -1.50 -5.70 -12.91
N PHE B 224 -2.01 -6.32 -13.97
CA PHE B 224 -3.36 -6.87 -14.02
C PHE B 224 -3.23 -8.32 -14.46
N TRP B 225 -2.99 -9.24 -13.54
CA TRP B 225 -3.01 -9.03 -12.10
C TRP B 225 -1.92 -9.84 -11.41
N GLY B 226 -0.82 -10.10 -12.12
CA GLY B 226 0.22 -10.98 -11.63
C GLY B 226 0.77 -10.64 -10.26
N PRO B 228 -0.33 -8.26 -7.98
CA PRO B 228 -1.30 -8.13 -6.89
C PRO B 228 -1.84 -9.47 -6.40
N THR B 229 -2.12 -10.36 -7.34
CA THR B 229 -2.50 -11.73 -6.98
C THR B 229 -1.39 -12.30 -6.08
N LEU B 230 -0.15 -12.17 -6.55
CA LEU B 230 0.98 -12.67 -5.81
C LEU B 230 1.10 -12.01 -4.42
N LEU B 231 1.08 -10.68 -4.38
CA LEU B 231 1.14 -9.93 -3.12
C LEU B 231 0.08 -10.35 -2.11
N ALA B 233 -1.62 -13.09 -2.11
CA ALA B 233 -1.52 -14.52 -1.89
C ALA B 233 -2.57 -15.33 -2.67
N GLY B 234 -2.98 -14.80 -3.82
CA GLY B 234 -3.92 -15.47 -4.67
C GLY B 234 -3.20 -16.52 -5.47
N LYS B 235 -3.93 -17.22 -6.36
CA LYS B 235 -3.31 -18.24 -7.21
C LYS B 235 -3.03 -17.74 -8.64
N ASN B 236 -1.75 -17.69 -9.00
CA ASN B 236 -1.31 -17.36 -10.37
C ASN B 236 -1.15 -18.64 -11.22
N VAL B 237 -1.96 -18.75 -12.27
CA VAL B 237 -1.91 -19.87 -13.21
C VAL B 237 -1.26 -19.44 -14.51
N ILE B 238 -0.35 -20.26 -15.02
CA ILE B 238 0.47 -19.93 -16.18
C ILE B 238 0.03 -20.72 -17.43
N VAL B 239 -0.12 -20.03 -18.56
CA VAL B 239 -0.24 -20.67 -19.89
C VAL B 239 0.95 -20.19 -20.74
N ARG B 240 1.61 -21.13 -21.41
CA ARG B 240 2.72 -20.80 -22.31
C ARG B 240 2.25 -19.99 -23.51
N ARG B 241 1.16 -20.45 -24.12
CA ARG B 241 0.54 -19.80 -25.26
C ARG B 241 -0.97 -19.71 -25.07
N VAL B 242 -1.58 -18.78 -25.77
CA VAL B 242 -3.01 -18.57 -25.70
C VAL B 242 -3.69 -19.42 -26.78
N VAL B 243 -4.35 -20.47 -26.33
CA VAL B 243 -5.20 -21.32 -27.17
C VAL B 243 -6.57 -21.34 -26.52
N ALA B 244 -7.57 -20.91 -27.28
CA ALA B 244 -8.90 -20.66 -26.75
C ALA B 244 -9.47 -21.83 -25.94
N GLU B 245 -9.24 -23.06 -26.43
CA GLU B 245 -9.83 -24.26 -25.80
C GLU B 245 -9.21 -24.51 -24.45
N GLU B 246 -7.88 -24.64 -24.44
CA GLU B 246 -7.08 -24.80 -23.24
C GLU B 246 -7.39 -23.73 -22.17
N VAL B 247 -7.45 -22.46 -22.61
CA VAL B 247 -7.80 -21.35 -21.71
C VAL B 247 -9.16 -21.61 -21.10
N ARG B 248 -10.17 -21.74 -21.96
CA ARG B 248 -11.52 -22.08 -21.52
C ARG B 248 -11.50 -23.25 -20.51
N ASP B 249 -10.66 -24.25 -20.79
CA ASP B 249 -10.52 -25.41 -19.89
C ASP B 249 -9.97 -25.03 -18.52
N LEU B 250 -8.92 -24.22 -18.51
CA LEU B 250 -8.32 -23.77 -17.25
C LEU B 250 -9.26 -22.93 -16.41
N LEU B 251 -10.06 -22.11 -17.08
CA LEU B 251 -11.06 -21.29 -16.41
C LEU B 251 -11.96 -22.14 -15.50
N VAL B 252 -12.34 -23.30 -16.00
CA VAL B 252 -13.22 -24.15 -15.21
C VAL B 252 -12.46 -24.89 -14.11
N ALA B 253 -11.29 -25.40 -14.48
CA ALA B 253 -10.48 -26.29 -13.64
C ALA B 253 -9.86 -25.59 -12.42
N GLU B 254 -9.33 -24.39 -12.63
CA GLU B 254 -8.71 -23.60 -11.55
C GLU B 254 -9.69 -22.60 -10.95
N GLU B 255 -10.94 -22.60 -11.44
CA GLU B 255 -11.97 -21.70 -10.97
C GLU B 255 -11.49 -20.26 -11.03
N CYS B 256 -11.02 -19.84 -12.20
CA CYS B 256 -10.35 -18.56 -12.37
C CYS B 256 -11.33 -17.40 -12.26
N THR B 257 -10.92 -16.34 -11.56
CA THR B 257 -11.76 -15.14 -11.39
C THR B 257 -11.27 -13.95 -12.24
N HIS B 258 -10.03 -14.04 -12.72
CA HIS B 258 -9.44 -13.02 -13.57
C HIS B 258 -8.54 -13.67 -14.63
N ALA B 259 -8.50 -13.04 -15.81
CA ALA B 259 -7.63 -13.44 -16.91
C ALA B 259 -7.13 -12.19 -17.65
N PHE B 260 -6.01 -12.31 -18.34
CA PHE B 260 -5.59 -11.31 -19.28
C PHE B 260 -5.94 -11.74 -20.70
N LEU B 261 -7.16 -11.40 -21.12
CA LEU B 261 -7.68 -11.81 -22.40
C LEU B 261 -8.00 -10.63 -23.31
N PRO B 263 -10.10 -9.34 -26.85
CA PRO B 263 -11.36 -9.66 -27.50
C PRO B 263 -11.36 -10.86 -28.45
N PRO B 264 -10.36 -10.97 -29.36
CA PRO B 264 -10.44 -12.11 -30.30
C PRO B 264 -10.46 -13.46 -29.59
N THR B 265 -9.69 -13.57 -28.51
CA THR B 265 -9.67 -14.76 -27.66
C THR B 265 -11.02 -14.98 -27.02
N VAL B 266 -11.59 -13.93 -26.45
CA VAL B 266 -12.85 -14.05 -25.77
C VAL B 266 -13.93 -14.58 -26.71
N ALA B 267 -14.08 -13.97 -27.89
CA ALA B 267 -15.08 -14.43 -28.86
C ALA B 267 -14.87 -15.89 -29.28
N GLU B 268 -13.62 -16.32 -29.31
CA GLU B 268 -13.22 -17.71 -29.58
C GLU B 268 -13.71 -18.67 -28.48
N ILE B 269 -13.61 -18.23 -27.23
CA ILE B 269 -14.11 -19.00 -26.09
C ILE B 269 -15.65 -19.03 -26.11
N VAL B 270 -16.28 -17.90 -26.40
CA VAL B 270 -17.74 -17.77 -26.44
C VAL B 270 -18.36 -18.78 -27.43
N ARG B 271 -18.03 -18.64 -28.71
CA ARG B 271 -18.56 -19.54 -29.74
C ARG B 271 -18.33 -20.99 -29.35
N LEU B 272 -17.11 -21.26 -28.87
CA LEU B 272 -16.66 -22.60 -28.50
C LEU B 272 -17.37 -23.14 -27.27
N ASN B 273 -17.72 -22.28 -26.32
CA ASN B 273 -18.34 -22.74 -25.07
C ASN B 273 -19.87 -22.76 -25.13
N ARG B 274 -20.45 -22.00 -26.04
CA ARG B 274 -21.91 -21.93 -26.20
C ARG B 274 -22.55 -23.31 -26.14
N ASP B 275 -23.63 -23.42 -25.37
CA ASP B 275 -24.49 -24.62 -25.39
C ASP B 275 -23.87 -25.89 -24.79
N THR B 276 -22.61 -25.81 -24.34
CA THR B 276 -21.92 -26.96 -23.72
C THR B 276 -22.15 -26.92 -22.22
N GLY B 277 -22.45 -25.73 -21.69
CA GLY B 277 -22.89 -25.58 -20.31
C GLY B 277 -21.80 -25.54 -19.24
N HIS B 278 -20.53 -25.39 -19.63
CA HIS B 278 -19.45 -25.26 -18.63
C HIS B 278 -19.58 -23.94 -17.90
N ASP B 279 -19.29 -23.97 -16.61
CA ASP B 279 -19.51 -22.85 -15.73
C ASP B 279 -18.32 -21.91 -15.88
N LEU B 280 -18.54 -20.82 -16.62
CA LEU B 280 -17.55 -19.73 -16.73
C LEU B 280 -17.94 -18.52 -15.91
N SER B 281 -18.91 -18.67 -15.00
CA SER B 281 -19.47 -17.56 -14.24
C SER B 281 -18.55 -17.02 -13.12
N ARG B 282 -17.53 -17.79 -12.73
CA ARG B 282 -16.58 -17.36 -11.70
CA ARG B 282 -16.57 -17.37 -11.70
C ARG B 282 -15.62 -16.31 -12.24
N LEU B 283 -15.38 -16.34 -13.53
CA LEU B 283 -14.55 -15.31 -14.16
C LEU B 283 -15.23 -13.93 -14.07
N ARG B 284 -14.49 -12.97 -13.50
CA ARG B 284 -14.87 -11.56 -13.57
C ARG B 284 -14.28 -10.98 -14.85
N ALA B 285 -15.14 -10.74 -15.83
CA ALA B 285 -14.75 -10.16 -17.11
C ALA B 285 -14.58 -8.65 -17.00
N THR B 286 -13.41 -8.19 -17.44
CA THR B 286 -13.03 -6.78 -17.37
C THR B 286 -13.14 -6.15 -18.77
N VAL B 287 -12.53 -6.79 -19.76
CA VAL B 287 -12.54 -6.30 -21.12
C VAL B 287 -13.87 -6.63 -21.79
N ALA B 288 -14.45 -5.62 -22.42
CA ALA B 288 -15.63 -5.82 -23.27
C ALA B 288 -16.54 -6.89 -22.70
N PRO B 289 -17.29 -6.54 -21.64
CA PRO B 289 -18.18 -7.49 -20.94
C PRO B 289 -19.28 -8.10 -21.82
N HIS B 290 -19.94 -7.29 -22.64
CA HIS B 290 -21.03 -7.75 -23.53
C HIS B 290 -20.69 -8.96 -24.45
N LEU B 291 -19.45 -9.02 -24.93
CA LEU B 291 -19.01 -10.10 -25.85
C LEU B 291 -19.03 -11.51 -25.25
N TRP B 292 -19.10 -11.59 -23.92
CA TRP B 292 -19.29 -12.87 -23.21
C TRP B 292 -20.74 -13.34 -23.25
N GLU B 293 -21.66 -12.39 -23.48
CA GLU B 293 -23.11 -12.64 -23.54
C GLU B 293 -23.76 -12.85 -22.17
N GLY B 294 -22.96 -13.12 -21.13
CA GLY B 294 -23.48 -13.55 -19.85
C GLY B 294 -22.86 -14.86 -19.36
N ALA B 296 -20.03 -15.46 -18.55
CA ALA B 296 -19.26 -15.07 -17.38
C ALA B 296 -19.86 -13.83 -16.76
N THR B 297 -19.38 -13.51 -15.55
CA THR B 297 -19.89 -12.40 -14.73
C THR B 297 -19.17 -11.08 -15.06
N THR B 298 -19.96 -10.02 -15.22
CA THR B 298 -19.43 -8.68 -15.46
C THR B 298 -18.79 -8.14 -14.19
N ASP B 299 -17.47 -7.92 -14.23
CA ASP B 299 -16.71 -7.34 -13.11
C ASP B 299 -17.35 -6.05 -12.65
N THR B 300 -17.53 -5.89 -11.34
CA THR B 300 -18.05 -4.62 -10.78
C THR B 300 -17.03 -3.92 -9.88
N SER B 301 -15.76 -4.23 -10.06
CA SER B 301 -14.70 -3.51 -9.40
C SER B 301 -14.55 -2.16 -10.10
N ARG B 302 -13.88 -1.25 -9.42
CA ARG B 302 -13.75 0.13 -9.89
C ARG B 302 -12.97 0.16 -11.19
N PHE B 303 -12.09 -0.83 -11.36
CA PHE B 303 -11.31 -0.99 -12.58
C PHE B 303 -12.18 -1.00 -13.82
N THR B 304 -13.24 -1.80 -13.78
CA THR B 304 -14.18 -1.92 -14.89
C THR B 304 -15.23 -0.80 -14.84
N ARG B 305 -15.85 -0.64 -13.69
CA ARG B 305 -16.89 0.37 -13.51
C ARG B 305 -16.44 1.72 -14.07
N SER B 306 -15.25 2.16 -13.69
CA SER B 306 -14.70 3.46 -14.12
C SER B 306 -14.31 3.52 -15.60
N GLY B 307 -13.98 2.39 -16.22
CA GLY B 307 -13.60 2.37 -17.63
C GLY B 307 -12.12 2.20 -17.89
N ALA B 308 -11.32 2.25 -16.84
CA ALA B 308 -9.92 1.85 -16.95
C ALA B 308 -9.73 0.52 -17.71
N ALA B 309 -10.57 -0.49 -17.46
CA ALA B 309 -10.45 -1.78 -18.20
C ALA B 309 -10.62 -1.62 -19.73
N ALA B 310 -11.34 -0.60 -20.16
CA ALA B 310 -11.54 -0.34 -21.56
C ALA B 310 -10.53 0.65 -22.12
N GLY B 311 -9.64 1.19 -21.28
CA GLY B 311 -8.61 2.12 -21.72
C GLY B 311 -8.66 3.51 -21.10
N ARG B 312 -9.69 3.83 -20.32
CA ARG B 312 -9.73 5.14 -19.64
C ARG B 312 -8.61 5.32 -18.59
N GLY B 313 -7.44 5.74 -19.06
CA GLY B 313 -6.27 5.94 -18.20
C GLY B 313 -5.01 6.28 -18.96
N TYR B 314 -3.99 6.71 -18.23
CA TYR B 314 -2.68 6.95 -18.80
C TYR B 314 -1.64 6.19 -17.99
N GLY B 315 -0.58 5.75 -18.64
CA GLY B 315 0.52 5.11 -17.94
C GLY B 315 1.64 4.61 -18.83
N GLN B 316 2.68 4.10 -18.19
CA GLN B 316 3.79 3.50 -18.91
C GLN B 316 4.61 2.62 -17.99
N THR B 317 5.41 1.75 -18.59
CA THR B 317 6.27 0.85 -17.88
C THR B 317 7.10 1.57 -16.82
N GLU B 318 7.59 2.75 -17.20
CA GLU B 318 8.43 3.56 -16.36
C GLU B 318 7.69 4.17 -15.16
N LEU B 319 6.36 4.11 -15.18
CA LEU B 319 5.54 4.47 -13.99
C LEU B 319 4.88 3.25 -13.37
N SER B 320 5.51 2.08 -13.52
CA SER B 320 4.96 0.78 -13.06
C SER B 320 3.59 0.50 -13.64
N GLY B 321 3.36 0.99 -14.86
CA GLY B 321 2.17 0.68 -15.62
C GLY B 321 1.14 1.78 -15.65
N PHE B 322 -0.10 1.39 -15.33
CA PHE B 322 -1.26 2.26 -15.47
C PHE B 322 -1.46 3.07 -14.23
N ALA B 323 -0.68 4.15 -14.12
CA ALA B 323 -0.62 5.00 -12.91
C ALA B 323 -1.67 6.11 -12.79
N VAL B 324 -2.44 6.35 -13.84
CA VAL B 324 -3.48 7.38 -13.85
C VAL B 324 -4.72 6.73 -14.47
N THR B 325 -5.85 6.77 -13.76
CA THR B 325 -7.10 6.17 -14.26
C THR B 325 -8.35 6.97 -13.87
N ALA B 326 -9.44 6.73 -14.59
CA ALA B 326 -10.76 7.27 -14.22
C ALA B 326 -11.24 6.69 -12.88
N ALA B 327 -10.65 5.59 -12.43
CA ALA B 327 -10.92 5.01 -11.10
C ALA B 327 -10.47 5.86 -9.90
N TYR B 328 -9.53 6.77 -10.08
CA TYR B 328 -9.11 7.62 -8.96
C TYR B 328 -9.75 8.97 -9.16
N GLY B 329 -10.69 9.32 -8.30
CA GLY B 329 -11.25 10.65 -8.27
C GLY B 329 -12.57 10.89 -8.95
N GLY B 330 -13.17 9.88 -9.57
CA GLY B 330 -14.54 10.02 -10.10
C GLY B 330 -14.68 10.47 -11.55
N PRO B 331 -15.86 10.98 -11.92
CA PRO B 331 -16.03 11.39 -13.29
C PRO B 331 -14.98 12.42 -13.69
N ALA B 332 -14.44 12.24 -14.90
CA ALA B 332 -13.33 13.03 -15.39
C ALA B 332 -13.66 13.39 -16.82
N ALA B 333 -13.49 14.67 -17.14
CA ALA B 333 -13.65 15.15 -18.51
C ALA B 333 -12.52 14.63 -19.38
N GLY B 334 -11.29 14.63 -18.85
CA GLY B 334 -10.15 14.14 -19.60
C GLY B 334 -10.20 12.64 -19.79
N ASN B 335 -9.48 12.15 -20.80
CA ASN B 335 -9.58 10.74 -21.16
C ASN B 335 -8.82 9.78 -20.28
N ALA B 336 -8.00 10.28 -19.35
CA ALA B 336 -7.19 9.39 -18.51
C ALA B 336 -7.55 9.34 -17.00
N GLY B 337 -8.38 10.26 -16.53
CA GLY B 337 -8.64 10.42 -15.09
C GLY B 337 -7.54 11.19 -14.38
N ARG B 338 -7.16 10.69 -13.20
CA ARG B 338 -6.20 11.35 -12.29
C ARG B 338 -5.20 10.32 -11.80
N PRO B 339 -4.07 10.78 -11.22
CA PRO B 339 -3.09 9.91 -10.54
C PRO B 339 -3.65 9.19 -9.36
N GLY B 340 -3.30 7.93 -9.24
CA GLY B 340 -3.55 7.19 -8.03
C GLY B 340 -2.47 7.50 -7.02
N PRO B 341 -2.46 6.77 -5.90
CA PRO B 341 -1.55 7.06 -4.83
C PRO B 341 -0.14 6.65 -5.17
N GLY B 342 0.83 7.44 -4.70
CA GLY B 342 2.22 7.17 -5.06
C GLY B 342 2.64 7.86 -6.36
N LEU B 343 1.86 8.85 -6.80
CA LEU B 343 2.22 9.58 -7.99
C LEU B 343 1.73 11.02 -7.95
N THR B 344 2.59 11.93 -8.33
CA THR B 344 2.19 13.27 -8.59
C THR B 344 2.60 13.62 -10.03
N VAL B 345 1.66 14.20 -10.78
CA VAL B 345 1.85 14.57 -12.17
C VAL B 345 1.76 16.08 -12.42
N ARG B 346 2.59 16.56 -13.35
CA ARG B 346 2.49 17.94 -13.82
C ARG B 346 2.84 18.02 -15.31
N VAL B 347 2.06 18.81 -16.04
CA VAL B 347 2.26 19.02 -17.47
C VAL B 347 3.23 20.18 -17.69
N LEU B 348 4.40 19.90 -18.23
CA LEU B 348 5.46 20.89 -18.30
C LEU B 348 5.79 21.31 -19.72
N ASP B 349 5.98 22.61 -19.91
CA ASP B 349 6.30 23.12 -21.23
C ASP B 349 7.80 23.00 -21.50
N THR B 350 8.17 23.40 -22.72
CA THR B 350 9.56 23.39 -23.20
C THR B 350 10.53 23.92 -22.15
N ALA B 351 10.19 25.06 -21.55
CA ALA B 351 11.08 25.72 -20.60
C ALA B 351 10.99 25.15 -19.17
N GLY B 352 10.40 23.98 -19.02
CA GLY B 352 10.29 23.32 -17.72
C GLY B 352 9.25 23.88 -16.78
N ARG B 353 8.42 24.80 -17.28
CA ARG B 353 7.42 25.48 -16.45
C ARG B 353 6.10 24.74 -16.54
N GLU B 354 5.31 24.81 -15.46
CA GLU B 354 4.00 24.18 -15.42
C GLU B 354 3.04 24.84 -16.39
N CYS B 355 2.46 24.02 -17.25
CA CYS B 355 1.50 24.52 -18.21
C CYS B 355 0.24 24.99 -17.50
N ALA B 356 -0.48 25.92 -18.12
CA ALA B 356 -1.74 26.41 -17.58
C ALA B 356 -2.80 25.36 -17.87
N VAL B 357 -3.93 25.46 -17.19
CA VAL B 357 -5.04 24.53 -17.43
C VAL B 357 -5.44 24.64 -18.90
N GLY B 358 -5.65 23.51 -19.58
CA GLY B 358 -5.94 23.51 -21.01
C GLY B 358 -4.71 23.51 -21.93
N GLU B 359 -3.58 24.05 -21.47
CA GLU B 359 -2.38 24.11 -22.30
C GLU B 359 -1.68 22.75 -22.37
N ALA B 360 -1.17 22.41 -23.54
CA ALA B 360 -0.65 21.10 -23.76
C ALA B 360 0.82 21.10 -23.40
N GLY B 361 1.30 20.00 -22.81
CA GLY B 361 2.74 19.83 -22.56
C GLY B 361 3.15 18.39 -22.28
N GLU B 362 4.40 18.22 -21.81
CA GLU B 362 4.91 16.90 -21.41
C GLU B 362 4.41 16.47 -20.02
N ILE B 363 3.97 15.23 -19.94
CA ILE B 363 3.49 14.64 -18.68
C ILE B 363 4.73 14.26 -17.89
N CYS B 364 4.91 14.89 -16.73
CA CYS B 364 6.05 14.58 -15.87
C CYS B 364 5.58 14.08 -14.50
N ALA B 365 6.34 13.16 -13.92
CA ALA B 365 5.91 12.44 -12.72
C ALA B 365 7.01 12.33 -11.67
N ARG B 366 6.61 12.33 -10.40
CA ARG B 366 7.47 11.93 -9.29
C ARG B 366 6.67 10.97 -8.45
N GLY B 367 7.35 10.23 -7.59
CA GLY B 367 6.69 9.34 -6.67
C GLY B 367 7.21 7.92 -6.70
N THR B 368 6.59 7.12 -5.85
CA THR B 368 6.98 5.77 -5.56
C THR B 368 6.89 4.83 -6.78
N VAL B 369 5.97 5.09 -7.71
CA VAL B 369 5.81 4.19 -8.86
C VAL B 369 6.75 4.52 -10.02
N VAL B 370 7.47 5.64 -9.93
CA VAL B 370 8.41 6.04 -10.96
C VAL B 370 9.63 5.12 -10.87
N HIS B 371 9.98 4.53 -12.01
CA HIS B 371 11.06 3.54 -12.06
C HIS B 371 12.41 4.14 -11.67
N ARG B 372 13.46 3.31 -11.66
CA ARG B 372 14.80 3.75 -11.22
C ARG B 372 15.68 4.32 -12.37
N GLY B 373 15.13 4.35 -13.59
CA GLY B 373 15.89 4.68 -14.78
C GLY B 373 16.08 3.46 -15.67
N TYR B 374 16.73 3.68 -16.81
CA TYR B 374 17.02 2.60 -17.74
C TYR B 374 18.37 1.98 -17.45
N TRP B 375 18.49 0.69 -17.77
CA TRP B 375 19.78 0.05 -17.68
C TRP B 375 20.76 0.68 -18.64
N ASN B 376 21.93 1.05 -18.14
CA ASN B 376 23.03 1.45 -19.00
C ASN B 376 22.56 2.52 -19.99
N ARG B 377 22.02 3.62 -19.45
CA ARG B 377 21.66 4.79 -20.24
C ARG B 377 21.95 6.06 -19.43
N ASP B 378 23.19 6.25 -19.01
CA ASP B 378 23.55 7.41 -18.16
C ASP B 378 23.01 8.71 -18.71
N GLU B 379 23.26 8.99 -19.98
CA GLU B 379 22.92 10.30 -20.49
C GLU B 379 21.42 10.50 -20.70
N VAL B 380 20.74 9.47 -21.18
CA VAL B 380 19.31 9.56 -21.35
C VAL B 380 18.62 9.74 -19.98
N ASN B 381 19.08 9.00 -18.96
CA ASN B 381 18.61 9.16 -17.58
C ASN B 381 18.81 10.57 -17.03
N ALA B 382 20.01 11.10 -17.18
CA ALA B 382 20.31 12.42 -16.65
C ALA B 382 19.30 13.42 -17.22
N HIS B 383 19.09 13.34 -18.53
CA HIS B 383 18.19 14.27 -19.22
C HIS B 383 16.70 13.98 -18.90
N ARG B 384 16.30 12.72 -18.84
CA ARG B 384 14.91 12.39 -18.56
C ARG B 384 14.53 12.65 -17.11
N PHE B 385 15.51 12.63 -16.19
CA PHE B 385 15.24 12.92 -14.76
C PHE B 385 15.54 14.37 -14.39
N ARG B 386 15.78 15.23 -15.37
CA ARG B 386 16.16 16.59 -15.06
C ARG B 386 15.20 17.24 -14.03
N SER B 387 15.79 17.97 -13.08
CA SER B 387 15.03 18.83 -12.18
C SER B 387 14.09 18.10 -11.24
N GLY B 388 14.34 16.81 -11.04
CA GLY B 388 13.58 16.04 -10.06
C GLY B 388 12.18 15.70 -10.56
N TRP B 389 12.06 15.49 -11.87
CA TRP B 389 10.82 15.00 -12.47
C TRP B 389 11.19 13.98 -13.53
N TRP B 390 10.45 12.88 -13.58
CA TRP B 390 10.60 11.93 -14.67
C TRP B 390 9.85 12.46 -15.88
N HIS B 391 10.52 12.52 -17.02
CA HIS B 391 9.89 12.94 -18.26
C HIS B 391 9.47 11.74 -19.11
N THR B 392 8.16 11.58 -19.27
CA THR B 392 7.59 10.42 -19.93
C THR B 392 7.77 10.41 -21.45
N THR B 393 8.07 11.58 -22.00
CA THR B 393 7.95 11.89 -23.43
C THR B 393 6.51 11.82 -23.99
N ASP B 394 5.51 11.86 -23.13
CA ASP B 394 4.15 11.77 -23.59
C ASP B 394 3.54 13.16 -23.45
N LEU B 395 2.56 13.43 -24.29
CA LEU B 395 1.92 14.70 -24.32
C LEU B 395 0.57 14.64 -23.63
N GLY B 396 0.25 15.66 -22.86
CA GLY B 396 -1.07 15.75 -22.19
C GLY B 396 -1.47 17.14 -21.75
N ARG B 397 -2.64 17.28 -21.12
CA ARG B 397 -3.05 18.54 -20.49
C ARG B 397 -4.01 18.29 -19.35
N ARG B 398 -4.13 19.28 -18.45
CA ARG B 398 -5.13 19.25 -17.38
C ARG B 398 -6.42 19.93 -17.81
N GLU B 399 -7.52 19.24 -17.63
CA GLU B 399 -8.85 19.83 -17.78
C GLU B 399 -9.14 20.67 -16.52
N PRO B 400 -10.13 21.58 -16.60
CA PRO B 400 -10.41 22.43 -15.43
C PRO B 400 -11.00 21.68 -14.27
N ASP B 401 -11.63 20.54 -14.54
CA ASP B 401 -12.17 19.68 -13.49
C ASP B 401 -11.04 18.94 -12.75
N GLY B 402 -9.81 19.08 -13.21
CA GLY B 402 -8.67 18.45 -12.54
C GLY B 402 -8.10 17.30 -13.33
N SER B 403 -8.95 16.56 -14.03
CA SER B 403 -8.54 15.33 -14.73
C SER B 403 -7.47 15.58 -15.76
N LEU B 404 -6.90 14.50 -16.27
CA LEU B 404 -5.82 14.57 -17.23
C LEU B 404 -6.29 13.98 -18.55
N THR B 405 -5.64 14.43 -19.62
CA THR B 405 -5.91 13.94 -20.95
C THR B 405 -4.57 13.51 -21.54
N PHE B 406 -4.52 12.30 -22.08
CA PHE B 406 -3.34 11.77 -22.80
C PHE B 406 -3.48 12.12 -24.27
N LEU B 407 -2.56 12.89 -24.83
CA LEU B 407 -2.73 13.35 -26.21
C LEU B 407 -1.96 12.51 -27.23
N GLY B 408 -0.88 11.85 -26.80
CA GLY B 408 0.00 11.12 -27.70
C GLY B 408 1.43 11.36 -27.30
N THR B 409 2.37 10.91 -28.13
CA THR B 409 3.79 11.04 -27.83
C THR B 409 4.37 12.40 -28.20
N THR B 410 5.51 12.72 -27.57
CA THR B 410 6.28 13.94 -27.83
C THR B 410 7.50 13.65 -28.71
N THR B 411 7.75 12.39 -29.03
CA THR B 411 8.96 12.01 -29.74
C THR B 411 8.85 12.37 -31.20
N ARG B 412 7.69 12.07 -31.79
CA ARG B 412 7.38 12.44 -33.17
C ARG B 412 7.22 13.94 -33.17
N LEU B 414 7.52 18.01 -35.25
CA LEU B 414 7.60 18.87 -36.42
C LEU B 414 8.19 20.23 -36.06
N LYS B 415 9.14 20.69 -36.88
CA LYS B 415 9.88 21.95 -36.64
C LYS B 415 9.04 23.22 -36.81
N SER B 416 9.25 24.17 -35.89
CA SER B 416 8.69 25.54 -35.98
C SER B 416 9.68 26.50 -36.66
N PHE B 422 3.23 19.96 -31.92
CA PHE B 422 3.39 18.52 -32.05
C PHE B 422 2.26 17.89 -32.87
N PRO B 423 2.58 16.87 -33.69
CA PRO B 423 1.56 16.23 -34.54
C PRO B 423 0.43 15.58 -33.72
N ALA B 424 0.79 14.69 -32.79
CA ALA B 424 -0.17 14.03 -31.93
C ALA B 424 -1.21 15.01 -31.40
N GLU B 425 -0.79 16.21 -30.99
CA GLU B 425 -1.71 17.21 -30.45
C GLU B 425 -2.83 17.52 -31.42
N VAL B 426 -2.47 17.60 -32.69
CA VAL B 426 -3.44 17.90 -33.73
C VAL B 426 -4.15 16.64 -34.21
N GLU B 427 -3.40 15.53 -34.40
CA GLU B 427 -4.00 14.19 -34.59
C GLU B 427 -5.17 13.98 -33.66
N ASN B 428 -4.99 14.38 -32.41
CA ASN B 428 -6.01 14.28 -31.38
C ASN B 428 -7.14 15.25 -31.64
N CYS B 429 -6.81 16.52 -31.83
CA CYS B 429 -7.86 17.52 -32.08
C CYS B 429 -8.77 17.08 -33.22
N ILE B 430 -8.15 16.59 -34.29
CA ILE B 430 -8.89 16.08 -35.44
C ILE B 430 -9.78 14.87 -35.12
N GLU B 431 -9.31 13.98 -34.26
CA GLU B 431 -10.12 12.83 -33.85
C GLU B 431 -11.24 13.17 -32.88
N GLN B 432 -11.36 14.45 -32.50
CA GLN B 432 -12.49 14.93 -31.71
C GLN B 432 -13.56 15.50 -32.63
N HIS B 433 -13.67 14.90 -33.82
CA HIS B 433 -14.75 15.15 -34.76
C HIS B 433 -15.53 13.84 -34.86
N PRO B 434 -16.85 13.87 -34.63
CA PRO B 434 -17.68 12.64 -34.72
C PRO B 434 -17.53 11.81 -36.01
N ALA B 435 -17.22 12.47 -37.12
CA ALA B 435 -17.06 11.83 -38.43
C ALA B 435 -15.70 11.14 -38.61
N VAL B 436 -14.71 11.60 -37.86
CA VAL B 436 -13.37 11.03 -37.95
C VAL B 436 -13.29 9.84 -37.03
N ARG B 437 -12.67 8.76 -37.52
CA ARG B 437 -12.40 7.56 -36.74
C ARG B 437 -10.97 7.60 -36.21
N GLU B 438 -10.01 7.92 -37.09
CA GLU B 438 -8.61 8.16 -36.71
C GLU B 438 -7.88 9.04 -37.71
N ALA B 439 -6.88 9.75 -37.23
CA ALA B 439 -6.15 10.73 -38.01
C ALA B 439 -4.66 10.58 -37.80
N ALA B 440 -3.92 10.86 -38.87
CA ALA B 440 -2.46 10.87 -38.86
C ALA B 440 -2.00 12.18 -39.47
N VAL B 441 -1.23 12.95 -38.71
CA VAL B 441 -0.78 14.31 -39.09
C VAL B 441 0.72 14.30 -39.37
N ILE B 442 1.12 14.66 -40.59
CA ILE B 442 2.56 14.75 -40.95
C ILE B 442 2.91 16.07 -41.63
N ALA B 455 -2.18 16.00 -42.99
CA ALA B 455 -3.22 15.34 -42.19
C ALA B 455 -3.99 14.28 -42.96
N VAL B 456 -3.47 13.05 -42.98
CA VAL B 456 -4.22 11.91 -43.54
C VAL B 456 -5.36 11.54 -42.60
N VAL B 457 -6.53 11.25 -43.15
CA VAL B 457 -7.74 11.06 -42.34
C VAL B 457 -8.57 9.83 -42.77
N VAL B 458 -8.93 9.00 -41.80
CA VAL B 458 -9.78 7.83 -41.99
C VAL B 458 -11.13 8.13 -41.38
N LEU B 459 -12.16 8.22 -42.21
CA LEU B 459 -13.49 8.65 -41.77
C LEU B 459 -14.35 7.49 -41.30
N GLU B 460 -15.30 7.80 -40.40
CA GLU B 460 -16.38 6.88 -40.05
C GLU B 460 -17.10 6.43 -41.33
N PRO B 461 -17.52 5.14 -41.42
CA PRO B 461 -18.23 4.64 -42.61
C PRO B 461 -19.47 5.44 -43.02
N ASP B 462 -20.21 5.96 -42.04
CA ASP B 462 -21.52 6.59 -42.28
C ASP B 462 -21.44 8.12 -42.45
N ALA B 463 -20.63 8.77 -41.62
CA ALA B 463 -20.44 10.22 -41.69
C ALA B 463 -19.74 10.64 -43.00
N GLY B 464 -19.68 11.94 -43.22
CA GLY B 464 -18.97 12.50 -44.38
C GLY B 464 -18.82 14.00 -44.20
N VAL B 465 -17.58 14.48 -44.20
CA VAL B 465 -17.33 15.90 -43.95
C VAL B 465 -16.28 16.55 -44.82
N SER B 466 -16.48 17.85 -45.00
CA SER B 466 -15.63 18.71 -45.79
C SER B 466 -14.22 18.82 -45.20
N GLU B 467 -13.22 18.82 -46.09
CA GLU B 467 -11.84 19.12 -45.73
C GLU B 467 -11.72 20.48 -45.02
N GLN B 468 -12.64 21.39 -45.31
CA GLN B 468 -12.60 22.76 -44.81
C GLN B 468 -13.19 22.90 -43.40
N GLU B 469 -14.22 22.11 -43.10
CA GLU B 469 -14.79 22.08 -41.75
C GLU B 469 -13.73 21.59 -40.76
N ILE B 470 -12.96 20.58 -41.16
CA ILE B 470 -11.87 20.06 -40.35
C ILE B 470 -10.94 21.21 -39.99
N ILE B 471 -10.45 21.90 -41.02
CA ILE B 471 -9.54 23.01 -40.85
C ILE B 471 -10.32 24.25 -40.43
N ARG B 477 -9.79 25.36 -30.95
CA ARG B 477 -9.12 24.79 -29.79
C ARG B 477 -7.60 25.00 -29.84
N ILE B 478 -7.03 25.06 -31.04
CA ILE B 478 -5.59 25.23 -31.18
C ILE B 478 -5.25 26.58 -31.85
N ALA B 479 -3.95 26.89 -31.89
CA ALA B 479 -3.46 28.26 -32.13
C ALA B 479 -3.25 28.53 -33.61
N SER B 480 -3.28 29.82 -33.96
CA SER B 480 -3.30 30.28 -35.35
C SER B 480 -2.44 29.47 -36.33
N TYR B 481 -1.23 29.12 -35.90
CA TYR B 481 -0.22 28.52 -36.79
C TYR B 481 -0.21 26.99 -36.90
N LYS B 482 -0.87 26.30 -35.97
CA LYS B 482 -0.65 24.85 -35.80
C LYS B 482 -1.37 23.97 -36.84
N LYS B 483 -2.39 24.54 -37.49
CA LYS B 483 -3.21 23.86 -38.51
C LYS B 483 -2.48 23.55 -39.83
N PRO B 484 -2.62 22.31 -40.36
CA PRO B 484 -2.00 21.97 -41.64
C PRO B 484 -2.74 22.58 -42.84
N LYS B 485 -2.11 22.47 -44.01
CA LYS B 485 -2.56 23.15 -45.22
C LYS B 485 -3.12 22.18 -46.26
N SER B 486 -3.47 20.96 -45.82
CA SER B 486 -3.87 19.88 -46.72
C SER B 486 -4.41 18.71 -45.91
N VAL B 487 -5.42 18.03 -46.47
CA VAL B 487 -6.03 16.86 -45.82
C VAL B 487 -6.39 15.77 -46.83
N ALA B 488 -5.58 14.72 -46.90
CA ALA B 488 -5.88 13.53 -47.70
C ALA B 488 -6.89 12.64 -46.97
N PHE B 489 -7.44 11.65 -47.67
CA PHE B 489 -8.38 10.72 -47.05
C PHE B 489 -8.08 9.28 -47.45
N ALA B 490 -8.11 8.38 -46.46
CA ALA B 490 -7.78 6.99 -46.69
C ALA B 490 -8.88 6.05 -46.17
N ALA B 491 -8.92 4.85 -46.74
CA ALA B 491 -9.85 3.80 -46.35
C ALA B 491 -9.51 3.30 -44.94
N ALA B 492 -8.22 3.32 -44.64
CA ALA B 492 -7.69 3.01 -43.33
C ALA B 492 -6.27 3.58 -43.27
N LEU B 493 -5.61 3.43 -42.13
CA LEU B 493 -4.20 3.82 -42.00
C LEU B 493 -3.28 2.65 -42.32
N PRO B 494 -2.10 2.93 -42.90
CA PRO B 494 -1.10 1.88 -43.02
C PRO B 494 -0.65 1.40 -41.65
N ARG B 495 -0.23 0.14 -41.55
CA ARG B 495 0.21 -0.39 -40.27
C ARG B 495 1.33 -1.41 -40.43
N THR B 496 2.14 -1.52 -39.38
CA THR B 496 3.30 -2.39 -39.38
C THR B 496 2.81 -3.83 -39.28
N VAL B 497 3.74 -4.77 -39.19
CA VAL B 497 3.42 -6.18 -38.96
C VAL B 497 2.89 -6.43 -37.53
N SER B 498 3.29 -5.59 -36.57
CA SER B 498 2.74 -5.63 -35.21
C SER B 498 1.31 -5.08 -35.10
N GLY B 499 0.86 -4.34 -36.11
CA GLY B 499 -0.48 -3.75 -36.14
C GLY B 499 -0.52 -2.31 -35.62
N ALA B 500 0.65 -1.75 -35.29
CA ALA B 500 0.73 -0.38 -34.78
C ALA B 500 0.86 0.57 -35.96
N ARG B 501 0.65 1.86 -35.71
CA ARG B 501 0.66 2.86 -36.78
C ARG B 501 1.96 2.84 -37.54
N ASP B 502 1.85 2.89 -38.85
CA ASP B 502 3.02 3.00 -39.73
C ASP B 502 3.06 4.38 -40.39
N TYR B 503 4.03 5.20 -39.97
CA TYR B 503 4.13 6.60 -40.40
C TYR B 503 5.06 6.76 -41.60
N ASP B 504 6.18 6.06 -41.55
CA ASP B 504 7.18 6.14 -42.60
C ASP B 504 6.69 5.51 -43.93
N ALA B 505 5.64 4.69 -43.83
CA ALA B 505 4.93 4.24 -45.04
C ALA B 505 4.25 5.40 -45.77
N LEU B 506 3.67 6.35 -45.02
CA LEU B 506 2.94 7.47 -45.65
C LEU B 506 3.62 8.84 -45.52
N ASP B 507 4.83 8.86 -44.96
CA ASP B 507 5.74 10.00 -45.16
C ASP B 507 6.01 10.08 -46.66
N LYS B 508 6.11 8.90 -47.27
CA LYS B 508 6.32 8.76 -48.69
C LYS B 508 5.11 9.26 -49.49
N GLU B 509 4.00 8.53 -49.37
CA GLU B 509 2.83 8.74 -50.22
C GLU B 509 2.38 10.18 -50.35
N TYR B 510 2.41 10.93 -49.25
CA TYR B 510 1.82 12.28 -49.22
C TYR B 510 2.82 13.42 -49.10
N GLY B 511 4.11 13.13 -49.28
CA GLY B 511 5.16 14.14 -49.18
C GLY B 511 5.52 14.44 -47.74
N GLY B 512 6.35 13.57 -47.16
CA GLY B 512 6.82 13.72 -45.80
C GLY B 512 8.32 13.62 -45.77
N GLY B 513 8.98 14.77 -45.63
CA GLY B 513 10.44 14.85 -45.47
C GLY B 513 10.80 16.08 -44.66
N GLY B 514 12.08 16.22 -44.31
CA GLY B 514 12.53 17.37 -43.53
C GLY B 514 12.01 17.32 -42.11
N TYR B 515 12.66 16.47 -41.30
CA TYR B 515 12.27 16.24 -39.94
C TYR B 515 13.43 16.54 -38.98
N PRO B 516 13.19 17.37 -37.95
CA PRO B 516 14.26 17.82 -37.04
C PRO B 516 14.73 16.74 -36.06
#